data_8K7S
#
_entry.id   8K7S
#
_cell.length_a   1.00
_cell.length_b   1.00
_cell.length_c   1.00
_cell.angle_alpha   90.00
_cell.angle_beta   90.00
_cell.angle_gamma   90.00
#
_symmetry.space_group_name_H-M   'P 1'
#
loop_
_entity.id
_entity.type
_entity.pdbx_description
1 polymer 'IgE Fc'
2 polymer FCER1A
3 branched alpha-D-mannopyranose-(1-3)-[alpha-D-mannopyranose-(1-6)]beta-D-mannopyranose-(1-4)-2-acetamido-2-deoxy-beta-D-glucopyranose-(1-4)-2-acetamido-2-deoxy-beta-D-glucopyranose
4 branched beta-D-mannopyranose-(1-4)-2-acetamido-2-deoxy-beta-D-glucopyranose-(1-4)-2-acetamido-2-deoxy-beta-D-glucopyranose
5 non-polymer 2-acetamido-2-deoxy-beta-D-glucopyranose
#
loop_
_entity_poly.entity_id
_entity_poly.type
_entity_poly.pdbx_seq_one_letter_code
_entity_poly.pdbx_strand_id
1 'polypeptide(L)'
;METGLRWLLLVAVLKGVQCVRPVNITDPTLELLHSSCDPNAFHSTIQLYCFIYGHILNDVSVSWLMDDREITDTLAQTVL
IKEEGKLASTCSKLNITEQQWMSESTFTCKVTSQGVDYLAHTRRCPDHEPRGVITYLIPPSPLDLYQNGAPKLTCLVVDL
ESEKNVNVTWNQEKKTSVSASQWYTKHHNNATTSITSILPVVAKDWIEGYGYQCIVDHPDFPKPIVRSITKTPGQRSAPE
VYVFPPPEEESEDKRTLTCLIQNFFPEDISVQWLGDGKLISNSQHSTTTPLKSNGSNQGFFIFSRLEVAKTLWTQRKQFT
CQVIHEALQKPRKLEKTISTSLGNTSLRPSHHHHHH
;
F,E
2 'polypeptide(L)'
;MAPAMESPTLLCVALLFFAPDGVLAVPQKPKVSLNPPWNRIFKGENVTLTCNGNNFFEVSSTKWFHNGSLSEETNSSLNI
VNAKFEDSGEYKCQHQQVNESEPVYLEVFSDWLLLQASAEVVMEGQPLFLRCHGWRNWDVYKVIYYKDGEALKYWYENHN
ISITNATVEDSGTYYCTGKVWQLDYESEPLNITVIKAPREKYWLQFFIPLLVVILFAVDTGLFISTQQQVTFLLKIKRTR
KGFRLLNPHPKPNPKNNENLYFQGDYKDDDDKHHHHHHHH
;
A
#
loop_
_chem_comp.id
_chem_comp.type
_chem_comp.name
_chem_comp.formula
BMA D-saccharide, beta linking beta-D-mannopyranose 'C6 H12 O6'
MAN D-saccharide, alpha linking alpha-D-mannopyranose 'C6 H12 O6'
NAG D-saccharide, beta linking 2-acetamido-2-deoxy-beta-D-glucopyranose 'C8 H15 N O6'
#
# COMPACT_ATOMS: atom_id res chain seq x y z
N ASP A 27 28.11 7.89 20.94
CA ASP A 27 26.71 7.70 20.55
C ASP A 27 26.54 6.46 19.70
N PRO A 28 25.40 5.78 19.85
CA PRO A 28 25.14 4.58 19.04
C PRO A 28 24.84 4.92 17.60
N THR A 29 25.89 5.15 16.81
CA THR A 29 25.74 5.51 15.40
C THR A 29 25.19 4.31 14.64
N LEU A 30 23.90 4.36 14.30
CA LEU A 30 23.23 3.26 13.64
C LEU A 30 23.41 3.37 12.13
N GLU A 31 24.16 2.44 11.54
CA GLU A 31 24.26 2.34 10.09
C GLU A 31 23.31 1.24 9.65
N LEU A 32 22.15 1.62 9.14
CA LEU A 32 21.13 0.67 8.69
C LEU A 32 21.32 0.47 7.19
N LEU A 33 22.15 -0.51 6.84
CA LEU A 33 22.55 -0.73 5.46
C LEU A 33 21.76 -1.89 4.86
N HIS A 34 21.24 -1.69 3.66
CA HIS A 34 20.54 -2.74 2.93
C HIS A 34 21.54 -3.41 2.00
N SER A 35 21.72 -4.72 2.18
CA SER A 35 22.67 -5.46 1.37
C SER A 35 22.19 -5.56 -0.08
N SER A 36 23.07 -6.07 -0.94
CA SER A 36 22.73 -6.24 -2.34
C SER A 36 21.53 -7.18 -2.48
N CYS A 37 20.59 -6.78 -3.34
CA CYS A 37 19.35 -7.51 -3.50
C CYS A 37 19.52 -8.79 -4.30
N ASP A 38 20.67 -8.97 -4.96
CA ASP A 38 21.08 -10.22 -5.61
C ASP A 38 20.01 -10.75 -6.56
N PRO A 39 19.75 -10.09 -7.68
CA PRO A 39 18.79 -10.64 -8.65
C PRO A 39 19.20 -11.99 -9.21
N ASN A 40 20.51 -12.22 -9.39
CA ASN A 40 20.97 -13.47 -9.99
C ASN A 40 20.76 -14.67 -9.06
N ALA A 41 21.03 -14.49 -7.77
CA ALA A 41 20.93 -15.58 -6.83
C ALA A 41 19.50 -15.71 -6.29
N PHE A 42 19.22 -16.85 -5.66
CA PHE A 42 17.93 -17.13 -5.06
C PHE A 42 17.84 -16.64 -3.62
N HIS A 43 18.10 -15.35 -3.41
CA HIS A 43 18.11 -14.73 -2.09
C HIS A 43 17.07 -13.61 -1.96
N SER A 44 15.82 -13.89 -2.36
CA SER A 44 14.72 -12.94 -2.36
C SER A 44 14.71 -12.03 -1.13
N THR A 45 14.89 -12.61 0.05
CA THR A 45 14.88 -11.84 1.29
C THR A 45 16.12 -10.98 1.38
N ILE A 46 15.92 -9.70 1.68
CA ILE A 46 17.01 -8.75 1.88
C ILE A 46 17.39 -8.76 3.35
N GLN A 47 18.70 -8.74 3.62
CA GLN A 47 19.24 -8.79 4.97
C GLN A 47 19.67 -7.38 5.37
N LEU A 48 18.77 -6.64 6.00
CA LEU A 48 19.10 -5.33 6.55
C LEU A 48 20.07 -5.51 7.71
N TYR A 49 21.24 -4.88 7.62
CA TYR A 49 22.24 -4.93 8.68
C TYR A 49 22.18 -3.61 9.45
N CYS A 50 21.85 -3.69 10.74
CA CYS A 50 21.84 -2.51 11.60
C CYS A 50 23.14 -2.50 12.40
N PHE A 51 24.18 -1.98 11.76
CA PHE A 51 25.49 -1.85 12.43
C PHE A 51 25.36 -0.84 13.55
N ILE A 52 25.52 -1.31 14.79
CA ILE A 52 25.39 -0.49 15.98
C ILE A 52 26.78 -0.36 16.62
N TYR A 53 27.21 0.88 16.80
CA TYR A 53 28.46 1.20 17.47
C TYR A 53 28.21 2.31 18.49
N GLY A 54 29.07 2.36 19.50
CA GLY A 54 28.98 3.38 20.52
C GLY A 54 28.08 3.05 21.69
N HIS A 55 27.42 1.90 21.68
CA HIS A 55 26.54 1.52 22.77
C HIS A 55 27.36 0.94 23.92
N ILE A 56 26.68 0.39 24.93
CA ILE A 56 27.34 -0.18 26.09
C ILE A 56 27.06 -1.67 26.13
N LEU A 57 28.05 -2.43 26.59
CA LEU A 57 27.91 -3.89 26.66
C LEU A 57 26.79 -4.27 27.61
N ASN A 58 26.07 -5.34 27.24
CA ASN A 58 24.93 -5.88 27.98
C ASN A 58 23.97 -4.80 28.46
N ASP A 59 23.83 -3.72 27.69
CA ASP A 59 22.92 -2.63 28.03
C ASP A 59 22.20 -2.11 26.79
N VAL A 60 22.09 -2.93 25.75
CA VAL A 60 21.51 -2.53 24.48
C VAL A 60 20.41 -3.51 24.10
N SER A 61 19.24 -3.00 23.75
CA SER A 61 18.15 -3.81 23.23
C SER A 61 17.81 -3.32 21.83
N VAL A 62 17.67 -4.27 20.90
CA VAL A 62 17.47 -3.98 19.48
C VAL A 62 16.05 -4.40 19.09
N SER A 63 15.35 -3.52 18.40
CA SER A 63 14.00 -3.79 17.94
C SER A 63 13.86 -3.32 16.49
N TRP A 64 12.91 -3.93 15.78
CA TRP A 64 12.62 -3.62 14.39
C TRP A 64 11.19 -3.12 14.26
N LEU A 65 11.00 -2.07 13.47
CA LEU A 65 9.69 -1.48 13.22
C LEU A 65 9.47 -1.37 11.73
N MET A 66 8.24 -1.68 11.29
CA MET A 66 7.84 -1.58 9.89
C MET A 66 6.75 -0.52 9.81
N ASP A 67 7.15 0.71 9.49
CA ASP A 67 6.24 1.85 9.38
C ASP A 67 5.43 2.03 10.67
N ASP A 68 6.16 2.30 11.75
CA ASP A 68 5.59 2.51 13.08
C ASP A 68 4.83 1.30 13.60
N ARG A 69 5.15 0.11 13.09
CA ARG A 69 4.56 -1.14 13.57
C ARG A 69 5.67 -2.08 13.97
N GLU A 70 5.56 -2.63 15.18
CA GLU A 70 6.60 -3.51 15.70
C GLU A 70 6.68 -4.80 14.89
N ILE A 71 7.90 -5.23 14.60
CA ILE A 71 8.14 -6.47 13.87
C ILE A 71 8.28 -7.58 14.90
N THR A 72 7.30 -8.49 14.94
CA THR A 72 7.22 -9.50 15.97
C THR A 72 7.79 -10.86 15.56
N ASP A 73 7.97 -11.11 14.28
CA ASP A 73 8.51 -12.38 13.84
C ASP A 73 9.96 -12.52 14.29
N THR A 74 10.34 -13.74 14.68
CA THR A 74 11.66 -14.02 15.22
C THR A 74 12.67 -14.32 14.11
N LEU A 75 12.78 -13.40 13.15
CA LEU A 75 13.76 -13.50 12.08
C LEU A 75 15.04 -12.72 12.38
N ALA A 76 15.11 -12.06 13.53
CA ALA A 76 16.30 -11.31 13.89
C ALA A 76 17.47 -12.25 14.16
N GLN A 77 18.66 -11.86 13.69
CA GLN A 77 19.88 -12.63 13.86
C GLN A 77 20.98 -11.74 14.45
N THR A 78 20.64 -11.02 15.53
CA THR A 78 21.60 -10.16 16.21
C THR A 78 22.80 -10.95 16.70
N VAL A 79 23.97 -10.69 16.13
CA VAL A 79 25.21 -11.38 16.46
C VAL A 79 26.28 -10.35 16.77
N LEU A 80 27.06 -10.61 17.81
CA LEU A 80 28.16 -9.73 18.17
C LEU A 80 29.32 -9.92 17.20
N ILE A 81 29.72 -8.85 16.52
CA ILE A 81 30.84 -8.93 15.59
C ILE A 81 32.16 -8.90 16.34
N LYS A 82 32.39 -7.84 17.11
CA LYS A 82 33.66 -7.66 17.80
C LYS A 82 33.46 -6.74 18.98
N GLU A 83 34.42 -6.76 19.90
CA GLU A 83 34.43 -5.89 21.07
C GLU A 83 35.81 -5.26 21.20
N GLU A 84 35.83 -3.94 21.38
CA GLU A 84 37.06 -3.19 21.62
C GLU A 84 36.97 -2.47 22.96
N GLY A 85 36.45 -3.15 23.97
CA GLY A 85 36.16 -2.53 25.25
C GLY A 85 34.66 -2.35 25.43
N LYS A 86 34.23 -1.11 25.65
CA LYS A 86 32.80 -0.81 25.68
C LYS A 86 32.20 -0.70 24.29
N LEU A 87 33.03 -0.61 23.25
CA LEU A 87 32.56 -0.52 21.87
C LEU A 87 32.34 -1.93 21.34
N ALA A 88 31.07 -2.35 21.30
CA ALA A 88 30.69 -3.66 20.79
C ALA A 88 29.96 -3.46 19.46
N SER A 89 30.59 -3.89 18.38
CA SER A 89 29.98 -3.77 17.05
C SER A 89 28.86 -4.80 16.92
N THR A 90 27.62 -4.33 16.86
CA THR A 90 26.46 -5.21 16.81
C THR A 90 25.88 -5.23 15.41
N CYS A 91 25.65 -6.42 14.86
CA CYS A 91 25.01 -6.56 13.55
C CYS A 91 23.65 -7.23 13.77
N SER A 92 22.59 -6.44 13.66
CA SER A 92 21.23 -6.98 13.69
C SER A 92 20.78 -7.21 12.25
N LYS A 93 20.49 -8.46 11.91
CA LYS A 93 20.12 -8.85 10.57
C LYS A 93 18.61 -9.06 10.51
N LEU A 94 17.93 -8.22 9.74
CA LEU A 94 16.49 -8.34 9.53
C LEU A 94 16.23 -8.89 8.13
N ASN A 95 15.47 -9.98 8.06
CA ASN A 95 15.11 -10.60 6.79
C ASN A 95 13.78 -10.03 6.32
N ILE A 96 13.82 -9.21 5.28
CA ILE A 96 12.63 -8.55 4.75
C ILE A 96 12.32 -9.10 3.37
N THR A 97 11.05 -9.39 3.13
CA THR A 97 10.64 -9.84 1.81
C THR A 97 10.81 -8.71 0.79
N GLU A 98 10.88 -9.10 -0.49
CA GLU A 98 11.08 -8.12 -1.55
C GLU A 98 9.93 -7.12 -1.60
N GLN A 99 8.70 -7.60 -1.38
CA GLN A 99 7.54 -6.70 -1.38
C GLN A 99 7.65 -5.66 -0.29
N GLN A 100 8.06 -6.08 0.92
CA GLN A 100 8.18 -5.13 2.03
C GLN A 100 9.26 -4.08 1.74
N TRP A 101 10.40 -4.52 1.21
CA TRP A 101 11.50 -3.59 0.96
C TRP A 101 11.17 -2.63 -0.18
N MET A 102 10.46 -3.11 -1.20
CA MET A 102 10.13 -2.28 -2.34
C MET A 102 8.81 -1.53 -2.17
N SER A 103 8.16 -1.63 -1.02
CA SER A 103 6.91 -0.93 -0.79
C SER A 103 7.15 0.49 -0.29
N GLU A 104 8.41 0.94 -0.34
CA GLU A 104 8.81 2.27 0.13
C GLU A 104 8.42 2.45 1.60
N SER A 105 8.81 1.48 2.42
CA SER A 105 8.47 1.47 3.83
C SER A 105 9.40 2.40 4.61
N THR A 106 9.37 2.29 5.94
CA THR A 106 10.16 3.11 6.85
C THR A 106 10.88 2.22 7.86
N PHE A 107 11.61 1.22 7.36
CA PHE A 107 12.18 0.21 8.22
C PHE A 107 13.07 0.83 9.29
N THR A 108 12.69 0.68 10.55
CA THR A 108 13.32 1.39 11.66
C THR A 108 14.05 0.40 12.54
N CYS A 109 15.34 0.65 12.77
CA CYS A 109 16.13 -0.06 13.78
C CYS A 109 16.16 0.81 15.03
N LYS A 110 15.64 0.26 16.13
CA LYS A 110 15.51 0.99 17.38
C LYS A 110 16.45 0.38 18.43
N VAL A 111 17.30 1.21 19.02
CA VAL A 111 18.23 0.78 20.05
C VAL A 111 17.85 1.46 21.36
N THR A 112 17.65 0.67 22.40
CA THR A 112 17.36 1.17 23.74
C THR A 112 18.57 0.91 24.62
N SER A 113 19.10 1.98 25.22
CA SER A 113 20.26 1.90 26.09
C SER A 113 20.18 3.02 27.12
N GLN A 114 20.36 2.66 28.40
CA GLN A 114 20.28 3.61 29.51
C GLN A 114 18.94 4.32 29.55
N GLY A 115 17.88 3.66 29.11
CA GLY A 115 16.57 4.27 29.07
C GLY A 115 16.36 5.23 27.92
N VAL A 116 17.31 5.34 27.01
CA VAL A 116 17.24 6.25 25.87
C VAL A 116 17.05 5.43 24.61
N ASP A 117 16.10 5.83 23.77
CA ASP A 117 15.76 5.14 22.54
C ASP A 117 16.22 5.96 21.35
N TYR A 118 17.00 5.33 20.46
CA TYR A 118 17.44 5.94 19.21
C TYR A 118 16.92 5.13 18.05
N LEU A 119 16.26 5.79 17.11
CA LEU A 119 15.63 5.14 15.98
C LEU A 119 16.27 5.59 14.68
N ALA A 120 16.70 4.64 13.86
CA ALA A 120 17.26 4.91 12.54
C ALA A 120 16.32 4.36 11.49
N HIS A 121 15.88 5.21 10.57
CA HIS A 121 14.90 4.85 9.56
C HIS A 121 15.57 4.70 8.20
N THR A 122 15.22 3.64 7.49
CA THR A 122 15.79 3.34 6.19
C THR A 122 14.69 2.94 5.21
N ARG A 123 15.01 3.07 3.94
CA ARG A 123 14.14 2.70 2.83
C ARG A 123 14.98 2.76 1.55
N ARG A 124 14.35 2.41 0.44
CA ARG A 124 15.01 2.53 -0.85
C ARG A 124 15.18 4.01 -1.21
N CYS A 125 16.19 4.27 -2.04
CA CYS A 125 16.34 5.61 -2.58
C CYS A 125 15.16 5.93 -3.50
N PRO A 126 14.63 7.15 -3.45
CA PRO A 126 13.30 7.41 -4.02
C PRO A 126 13.22 7.08 -5.50
N ASP A 127 12.13 6.40 -5.86
CA ASP A 127 11.72 6.17 -7.23
C ASP A 127 10.28 6.66 -7.39
N HIS A 128 9.87 6.85 -8.64
CA HIS A 128 8.58 7.44 -8.97
C HIS A 128 8.49 8.86 -8.41
N GLU A 129 7.30 9.45 -8.48
CA GLU A 129 7.23 10.78 -7.90
C GLU A 129 6.88 10.71 -6.42
N PRO A 130 7.27 11.71 -5.63
CA PRO A 130 6.88 11.73 -4.22
C PRO A 130 5.37 11.78 -4.06
N ARG A 131 4.88 11.15 -3.00
CA ARG A 131 3.45 11.10 -2.75
C ARG A 131 2.93 12.48 -2.31
N GLY A 132 1.72 12.81 -2.77
CA GLY A 132 1.10 14.09 -2.47
C GLY A 132 0.34 14.02 -1.15
N VAL A 133 -0.10 15.19 -0.69
CA VAL A 133 -0.86 15.30 0.55
C VAL A 133 -2.17 14.53 0.41
N ILE A 134 -2.46 13.67 1.38
CA ILE A 134 -3.66 12.83 1.35
C ILE A 134 -4.42 13.02 2.65
N THR A 135 -5.74 13.18 2.53
CA THR A 135 -6.62 13.44 3.66
C THR A 135 -7.37 12.18 4.07
N TYR A 136 -7.48 11.96 5.38
CA TYR A 136 -8.19 10.83 5.96
C TYR A 136 -9.20 11.34 6.97
N LEU A 137 -10.38 10.71 6.97
CA LEU A 137 -11.49 11.13 7.81
C LEU A 137 -11.91 9.96 8.69
N ILE A 138 -11.85 10.16 10.00
CA ILE A 138 -12.18 9.14 11.00
C ILE A 138 -13.50 9.54 11.65
N PRO A 139 -14.56 8.77 11.46
CA PRO A 139 -15.83 9.06 12.15
C PRO A 139 -15.76 8.68 13.62
N PRO A 140 -16.64 9.22 14.45
CA PRO A 140 -16.61 8.87 15.88
C PRO A 140 -16.89 7.38 16.11
N SER A 141 -16.21 6.82 17.11
CA SER A 141 -16.44 5.44 17.49
C SER A 141 -17.76 5.32 18.26
N PRO A 142 -18.46 4.19 18.11
CA PRO A 142 -19.70 4.01 18.88
C PRO A 142 -19.50 4.02 20.39
N LEU A 143 -18.31 3.65 20.87
CA LEU A 143 -18.06 3.63 22.30
C LEU A 143 -18.16 5.03 22.90
N ASP A 144 -17.59 6.03 22.21
CA ASP A 144 -17.68 7.41 22.67
C ASP A 144 -18.97 8.09 22.22
N LEU A 145 -19.78 7.41 21.40
CA LEU A 145 -21.01 8.00 20.85
C LEU A 145 -22.26 7.58 21.61
N TYR A 146 -22.30 6.36 22.15
CA TYR A 146 -23.48 5.85 22.83
C TYR A 146 -23.25 5.48 24.28
N GLN A 147 -22.00 5.49 24.77
CA GLN A 147 -21.71 5.20 26.16
C GLN A 147 -21.17 6.42 26.90
N ASN A 148 -20.08 7.02 26.41
CA ASN A 148 -19.53 8.22 27.02
C ASN A 148 -20.20 9.49 26.53
N GLY A 149 -20.91 9.44 25.40
CA GLY A 149 -21.59 10.61 24.88
C GLY A 149 -20.67 11.74 24.48
N ALA A 150 -19.47 11.43 23.99
CA ALA A 150 -18.52 12.42 23.53
C ALA A 150 -17.93 12.00 22.18
N PRO A 151 -18.75 12.01 21.13
CA PRO A 151 -18.24 11.66 19.80
C PRO A 151 -17.28 12.72 19.27
N LYS A 152 -16.36 12.29 18.43
CA LYS A 152 -15.38 13.19 17.84
C LYS A 152 -15.07 12.77 16.42
N LEU A 153 -15.00 13.76 15.52
CA LEU A 153 -14.64 13.54 14.12
C LEU A 153 -13.19 13.98 13.92
N THR A 154 -12.40 13.12 13.29
CA THR A 154 -10.97 13.38 13.10
C THR A 154 -10.67 13.60 11.61
N CYS A 155 -9.96 14.68 11.31
CA CYS A 155 -9.48 14.96 9.96
C CYS A 155 -7.96 15.04 10.02
N LEU A 156 -7.30 14.13 9.30
CA LEU A 156 -5.84 14.01 9.35
C LEU A 156 -5.29 14.08 7.94
N VAL A 157 -4.48 15.11 7.67
CA VAL A 157 -3.80 15.24 6.39
C VAL A 157 -2.35 14.82 6.58
N VAL A 158 -1.91 13.86 5.78
CA VAL A 158 -0.57 13.30 5.86
C VAL A 158 0.13 13.47 4.52
N ASP A 159 1.43 13.16 4.51
CA ASP A 159 2.30 13.39 3.36
C ASP A 159 2.34 14.86 2.96
N LEU A 160 2.33 15.74 3.95
CA LEU A 160 2.38 17.17 3.72
C LEU A 160 3.83 17.65 3.71
N GLU A 161 4.12 18.59 2.81
CA GLU A 161 5.51 19.00 2.61
C GLU A 161 5.95 20.02 3.66
N SER A 162 5.32 21.19 3.68
CA SER A 162 5.70 22.27 4.58
C SER A 162 4.48 22.75 5.35
N GLU A 163 4.62 22.87 6.66
CA GLU A 163 3.53 23.30 7.54
C GLU A 163 3.45 24.82 7.62
N LYS A 164 3.37 25.47 6.47
CA LYS A 164 3.27 26.92 6.39
C LYS A 164 2.07 27.30 5.54
N ASN A 165 1.25 28.21 6.05
CA ASN A 165 0.05 28.70 5.36
C ASN A 165 -0.92 27.57 5.02
N VAL A 166 -0.94 26.53 5.85
CA VAL A 166 -1.85 25.40 5.69
C VAL A 166 -2.86 25.44 6.83
N ASN A 167 -4.15 25.40 6.50
CA ASN A 167 -5.16 25.46 7.55
C ASN A 167 -6.36 24.61 7.17
N VAL A 168 -7.13 24.24 8.19
CA VAL A 168 -8.28 23.36 8.06
C VAL A 168 -9.53 24.13 8.44
N THR A 169 -10.52 24.12 7.56
CA THR A 169 -11.81 24.74 7.79
C THR A 169 -12.88 23.65 7.80
N TRP A 170 -13.77 23.69 8.80
CA TRP A 170 -14.82 22.70 8.95
C TRP A 170 -16.16 23.33 8.58
N ASN A 171 -16.80 22.78 7.55
CA ASN A 171 -18.12 23.21 7.12
C ASN A 171 -19.16 22.37 7.85
N GLN A 172 -19.95 23.02 8.70
CA GLN A 172 -20.96 22.31 9.47
C GLN A 172 -22.12 21.84 8.60
N GLU A 173 -22.31 22.45 7.43
CA GLU A 173 -23.38 22.11 6.49
C GLU A 173 -24.70 22.26 7.23
N LYS A 174 -25.46 21.19 7.48
CA LYS A 174 -26.69 21.30 8.24
C LYS A 174 -26.39 21.61 9.70
N LYS A 175 -27.25 22.42 10.31
CA LYS A 175 -27.13 22.87 11.70
C LYS A 175 -25.92 23.78 11.87
N THR A 176 -25.97 24.68 12.87
CA THR A 176 -24.90 25.62 13.13
C THR A 176 -24.57 25.61 14.62
N SER A 177 -23.27 25.61 14.92
CA SER A 177 -22.80 25.65 16.29
C SER A 177 -21.35 26.12 16.30
N VAL A 178 -20.91 26.57 17.47
CA VAL A 178 -19.52 27.00 17.66
C VAL A 178 -18.71 25.79 18.11
N SER A 179 -17.79 25.36 17.27
CA SER A 179 -16.98 24.15 17.51
C SER A 179 -15.52 24.42 17.21
N ALA A 180 -14.99 25.52 17.74
CA ALA A 180 -13.58 25.83 17.57
C ALA A 180 -12.73 24.71 18.16
N SER A 181 -11.72 24.27 17.40
CA SER A 181 -10.94 23.09 17.76
C SER A 181 -9.47 23.39 17.48
N GLN A 182 -8.66 22.33 17.53
CA GLN A 182 -7.22 22.42 17.29
C GLN A 182 -6.88 21.92 15.88
N TRP A 183 -5.70 22.29 15.43
CA TRP A 183 -5.15 21.92 14.13
C TRP A 183 -3.71 21.47 14.28
N TYR A 184 -3.47 20.56 15.23
CA TYR A 184 -2.11 20.33 15.70
C TYR A 184 -1.29 19.55 14.68
N THR A 185 -0.03 19.95 14.52
CA THR A 185 0.87 19.39 13.53
C THR A 185 1.97 18.59 14.22
N LYS A 186 2.23 17.39 13.71
CA LYS A 186 3.29 16.52 14.21
C LYS A 186 4.23 16.18 13.07
N HIS A 187 5.54 16.36 13.32
CA HIS A 187 6.56 16.08 12.31
C HIS A 187 7.06 14.65 12.49
N HIS A 188 6.96 13.86 11.42
CA HIS A 188 7.39 12.47 11.45
C HIS A 188 8.89 12.38 11.16
N ASN A 189 9.41 11.15 11.19
CA ASN A 189 10.82 10.90 10.98
C ASN A 189 11.15 10.47 9.55
N ASN A 190 10.16 10.47 8.66
CA ASN A 190 10.36 10.09 7.26
C ASN A 190 10.24 11.31 6.34
N ALA A 191 10.76 12.45 6.80
CA ALA A 191 10.78 13.70 6.04
C ALA A 191 9.37 14.16 5.66
N THR A 192 8.38 13.82 6.49
CA THR A 192 7.00 14.22 6.26
C THR A 192 6.38 14.67 7.58
N THR A 193 5.34 15.49 7.47
CA THR A 193 4.61 15.98 8.62
C THR A 193 3.12 15.82 8.38
N SER A 194 2.37 15.71 9.48
CA SER A 194 0.93 15.50 9.43
C SER A 194 0.23 16.56 10.26
N ILE A 195 -1.01 16.87 9.88
CA ILE A 195 -1.85 17.82 10.60
C ILE A 195 -3.16 17.13 10.96
N THR A 196 -3.53 17.20 12.25
CA THR A 196 -4.71 16.52 12.76
C THR A 196 -5.62 17.53 13.44
N SER A 197 -6.92 17.46 13.11
CA SER A 197 -7.93 18.30 13.73
C SER A 197 -9.07 17.42 14.22
N ILE A 198 -9.45 17.58 15.48
CA ILE A 198 -10.51 16.77 16.09
C ILE A 198 -11.64 17.70 16.53
N LEU A 199 -12.85 17.39 16.07
CA LEU A 199 -14.03 18.17 16.43
C LEU A 199 -14.94 17.34 17.33
N PRO A 200 -15.15 17.73 18.59
CA PRO A 200 -16.15 17.06 19.43
C PRO A 200 -17.56 17.48 19.02
N VAL A 201 -18.30 16.53 18.45
CA VAL A 201 -19.64 16.79 17.96
C VAL A 201 -20.65 16.30 18.98
N VAL A 202 -21.91 16.68 18.78
CA VAL A 202 -23.00 16.24 19.64
C VAL A 202 -23.56 14.93 19.09
N ALA A 203 -23.98 14.06 20.01
CA ALA A 203 -24.44 12.73 19.63
C ALA A 203 -25.77 12.80 18.88
N LYS A 204 -26.64 13.73 19.25
CA LYS A 204 -27.98 13.78 18.67
C LYS A 204 -27.92 14.06 17.17
N ASP A 205 -27.03 14.97 16.75
CA ASP A 205 -26.93 15.30 15.33
C ASP A 205 -26.50 14.10 14.50
N TRP A 206 -25.54 13.32 15.00
CA TRP A 206 -25.10 12.14 14.27
C TRP A 206 -26.15 11.04 14.30
N ILE A 207 -26.88 10.91 15.41
CA ILE A 207 -27.96 9.92 15.48
C ILE A 207 -29.05 10.24 14.46
N GLU A 208 -29.44 11.51 14.38
CA GLU A 208 -30.40 11.92 13.36
C GLU A 208 -29.77 11.92 11.97
N GLY A 209 -28.47 12.18 11.88
CA GLY A 209 -27.78 12.18 10.61
C GLY A 209 -27.51 13.58 10.08
N TYR A 210 -26.28 14.07 10.28
CA TYR A 210 -25.90 15.41 9.83
C TYR A 210 -24.43 15.36 9.42
N GLY A 211 -24.19 15.21 8.12
CA GLY A 211 -22.83 15.13 7.64
C GLY A 211 -22.14 16.49 7.64
N TYR A 212 -20.83 16.46 7.88
CA TYR A 212 -20.00 17.65 7.92
C TYR A 212 -18.95 17.57 6.81
N GLN A 213 -18.13 18.61 6.70
CA GLN A 213 -17.08 18.64 5.69
C GLN A 213 -15.79 19.17 6.30
N CYS A 214 -14.67 18.56 5.91
CA CYS A 214 -13.34 19.02 6.30
C CYS A 214 -12.59 19.47 5.06
N ILE A 215 -12.04 20.68 5.10
CA ILE A 215 -11.32 21.26 3.97
C ILE A 215 -9.93 21.64 4.45
N VAL A 216 -8.91 21.23 3.69
CA VAL A 216 -7.52 21.56 3.99
C VAL A 216 -6.99 22.43 2.85
N ASP A 217 -6.35 23.54 3.21
CA ASP A 217 -5.86 24.53 2.25
C ASP A 217 -4.37 24.73 2.45
N HIS A 218 -3.63 24.67 1.34
CA HIS A 218 -2.19 24.85 1.16
C HIS A 218 -1.92 26.14 0.39
N PRO A 219 -0.79 26.81 0.63
CA PRO A 219 -0.53 28.07 -0.09
C PRO A 219 -0.49 27.93 -1.60
N ASP A 220 0.05 26.83 -2.13
CA ASP A 220 0.12 26.61 -3.58
C ASP A 220 -0.53 25.25 -3.87
N PHE A 221 -1.83 25.24 -4.04
CA PHE A 221 -2.57 24.04 -4.39
C PHE A 221 -3.57 24.36 -5.49
N PRO A 222 -3.93 23.38 -6.32
CA PRO A 222 -4.98 23.65 -7.33
C PRO A 222 -6.32 24.00 -6.71
N LYS A 223 -6.87 23.10 -5.88
CA LYS A 223 -8.08 23.35 -5.11
C LYS A 223 -7.87 22.77 -3.72
N PRO A 224 -8.40 23.42 -2.68
CA PRO A 224 -8.30 22.84 -1.33
C PRO A 224 -9.02 21.50 -1.26
N ILE A 225 -8.44 20.56 -0.53
CA ILE A 225 -8.96 19.20 -0.50
C ILE A 225 -10.13 19.15 0.48
N VAL A 226 -11.28 18.70 0.00
CA VAL A 226 -12.51 18.66 0.80
C VAL A 226 -12.99 17.22 0.87
N ARG A 227 -13.34 16.79 2.08
CA ARG A 227 -13.88 15.45 2.31
C ARG A 227 -15.12 15.56 3.20
N SER A 228 -16.17 14.84 2.81
CA SER A 228 -17.46 14.92 3.48
C SER A 228 -17.72 13.65 4.28
N ILE A 229 -18.36 13.81 5.44
CA ILE A 229 -18.71 12.70 6.32
C ILE A 229 -20.22 12.70 6.52
N THR A 230 -20.84 11.54 6.31
CA THR A 230 -22.28 11.39 6.47
C THR A 230 -22.55 9.98 6.97
N LYS A 231 -23.55 9.85 7.85
CA LYS A 231 -23.91 8.55 8.38
C LYS A 231 -24.42 7.65 7.25
N THR A 232 -24.00 6.38 7.29
CA THR A 232 -24.36 5.44 6.23
C THR A 232 -25.85 5.13 6.28
N PRO A 233 -26.59 5.32 5.21
CA PRO A 233 -28.02 5.00 5.21
C PRO A 233 -28.25 3.49 5.15
N GLY A 234 -29.47 3.11 5.52
CA GLY A 234 -29.87 1.72 5.52
C GLY A 234 -30.62 1.37 6.78
N GLN A 235 -31.41 0.29 6.69
CA GLN A 235 -32.17 -0.17 7.84
C GLN A 235 -31.24 -0.74 8.91
N ARG A 236 -31.54 -0.43 10.16
CA ARG A 236 -30.74 -0.90 11.29
C ARG A 236 -31.34 -2.17 11.86
N SER A 237 -30.50 -3.20 12.00
CA SER A 237 -30.92 -4.49 12.52
C SER A 237 -30.25 -4.75 13.87
N ALA A 238 -31.03 -5.20 14.84
CA ALA A 238 -30.50 -5.46 16.17
C ALA A 238 -29.50 -6.60 16.11
N PRO A 239 -28.28 -6.41 16.62
CA PRO A 239 -27.28 -7.49 16.56
C PRO A 239 -27.66 -8.67 17.43
N GLU A 240 -27.24 -9.85 16.97
CA GLU A 240 -27.37 -11.09 17.73
C GLU A 240 -26.01 -11.49 18.25
N VAL A 241 -25.91 -11.67 19.57
CA VAL A 241 -24.64 -11.89 20.25
C VAL A 241 -24.70 -13.23 20.97
N TYR A 242 -23.69 -14.06 20.78
CA TYR A 242 -23.62 -15.36 21.41
C TYR A 242 -22.20 -15.64 21.87
N VAL A 243 -22.06 -16.14 23.10
CA VAL A 243 -20.76 -16.43 23.68
C VAL A 243 -20.60 -17.95 23.76
N PHE A 244 -19.50 -18.47 23.18
CA PHE A 244 -19.23 -19.89 23.18
C PHE A 244 -18.28 -20.25 24.30
N PRO A 245 -18.55 -21.30 25.07
CA PRO A 245 -17.63 -21.73 26.12
C PRO A 245 -16.35 -22.28 25.52
N PRO A 246 -15.24 -22.24 26.25
CA PRO A 246 -13.98 -22.77 25.73
C PRO A 246 -14.10 -24.24 25.38
N PRO A 247 -13.51 -24.67 24.26
CA PRO A 247 -13.62 -26.07 23.83
C PRO A 247 -12.62 -26.96 24.54
N GLU A 248 -13.13 -27.86 25.37
CA GLU A 248 -12.32 -28.89 26.04
C GLU A 248 -11.18 -28.28 26.86
N GLU A 249 -10.17 -29.09 27.16
CA GLU A 249 -8.99 -28.67 27.92
C GLU A 249 -7.81 -28.67 26.96
N GLU A 250 -7.58 -27.54 26.30
CA GLU A 250 -6.51 -27.41 25.31
C GLU A 250 -5.21 -27.05 26.03
N SER A 251 -4.48 -28.07 26.46
CA SER A 251 -3.16 -27.96 27.07
C SER A 251 -3.17 -27.20 28.39
N GLU A 252 -4.35 -26.80 28.85
CA GLU A 252 -4.51 -26.09 30.13
C GLU A 252 -3.64 -24.84 30.19
N ASP A 253 -3.53 -24.14 29.05
CA ASP A 253 -2.75 -22.91 28.97
C ASP A 253 -3.50 -21.74 28.35
N LYS A 254 -4.49 -21.99 27.50
CA LYS A 254 -5.27 -20.92 26.89
C LYS A 254 -6.70 -21.42 26.71
N ARG A 255 -7.67 -20.53 26.91
CA ARG A 255 -9.07 -20.88 26.78
C ARG A 255 -9.74 -20.35 25.52
N THR A 256 -9.37 -19.14 25.09
CA THR A 256 -9.81 -18.56 23.82
C THR A 256 -11.34 -18.51 23.73
N LEU A 257 -11.90 -17.69 24.62
CA LEU A 257 -13.34 -17.44 24.59
C LEU A 257 -13.73 -16.72 23.31
N THR A 258 -14.86 -17.13 22.73
CA THR A 258 -15.35 -16.59 21.47
C THR A 258 -16.69 -15.90 21.69
N CYS A 259 -16.81 -14.69 21.15
CA CYS A 259 -18.06 -13.94 21.17
C CYS A 259 -18.42 -13.61 19.73
N LEU A 260 -19.48 -14.23 19.22
CA LEU A 260 -19.93 -14.04 17.84
C LEU A 260 -21.04 -13.01 17.82
N ILE A 261 -20.87 -11.97 17.00
CA ILE A 261 -21.88 -10.94 16.79
C ILE A 261 -22.25 -10.97 15.32
N GLN A 262 -23.54 -11.12 15.03
CA GLN A 262 -24.00 -11.27 13.66
C GLN A 262 -25.28 -10.49 13.44
N ASN A 263 -25.54 -10.19 12.17
CA ASN A 263 -26.77 -9.53 11.72
C ASN A 263 -26.95 -8.16 12.38
N PHE A 264 -25.99 -7.28 12.12
CA PHE A 264 -26.08 -5.89 12.53
C PHE A 264 -25.64 -4.99 11.40
N PHE A 265 -26.26 -3.80 11.33
CA PHE A 265 -25.97 -2.82 10.30
C PHE A 265 -26.15 -1.44 10.90
N PRO A 266 -25.22 -0.50 10.66
CA PRO A 266 -24.01 -0.62 9.84
C PRO A 266 -22.86 -1.30 10.58
N GLU A 267 -21.68 -1.34 9.97
CA GLU A 267 -20.52 -2.02 10.55
C GLU A 267 -19.97 -1.30 11.78
N ASP A 268 -20.37 -0.05 12.02
CA ASP A 268 -19.90 0.70 13.19
C ASP A 268 -20.46 0.04 14.45
N ILE A 269 -19.58 -0.57 15.24
CA ILE A 269 -19.99 -1.34 16.41
C ILE A 269 -18.83 -1.36 17.40
N SER A 270 -19.16 -1.44 18.68
CA SER A 270 -18.16 -1.50 19.76
C SER A 270 -18.27 -2.83 20.48
N VAL A 271 -17.13 -3.51 20.62
CA VAL A 271 -17.06 -4.80 21.29
C VAL A 271 -16.10 -4.69 22.47
N GLN A 272 -16.54 -5.15 23.64
CA GLN A 272 -15.71 -5.08 24.84
C GLN A 272 -15.85 -6.38 25.63
N TRP A 273 -14.82 -6.66 26.43
CA TRP A 273 -14.81 -7.80 27.34
C TRP A 273 -14.65 -7.28 28.76
N LEU A 274 -15.50 -7.77 29.67
CA LEU A 274 -15.47 -7.37 31.07
C LEU A 274 -15.20 -8.59 31.94
N GLY A 275 -14.20 -8.50 32.79
CA GLY A 275 -13.88 -9.57 33.71
C GLY A 275 -14.27 -9.25 35.14
N ASP A 276 -15.35 -9.87 35.62
CA ASP A 276 -15.87 -9.64 36.96
C ASP A 276 -16.15 -8.16 37.20
N GLY A 277 -16.72 -7.50 36.20
CA GLY A 277 -17.02 -6.09 36.29
C GLY A 277 -15.88 -5.15 35.97
N LYS A 278 -14.73 -5.67 35.55
CA LYS A 278 -13.57 -4.85 35.22
C LYS A 278 -13.29 -4.95 33.73
N LEU A 279 -13.10 -3.81 33.09
CA LEU A 279 -12.86 -3.78 31.66
C LEU A 279 -11.52 -4.42 31.31
N ILE A 280 -11.48 -5.16 30.21
CA ILE A 280 -10.28 -5.84 29.74
C ILE A 280 -9.68 -5.02 28.61
N SER A 281 -8.36 -4.84 28.65
CA SER A 281 -7.68 -4.03 27.65
C SER A 281 -7.78 -4.67 26.27
N ASN A 282 -7.74 -3.82 25.23
CA ASN A 282 -7.86 -4.26 23.85
C ASN A 282 -6.69 -5.13 23.40
N SER A 283 -5.59 -5.14 24.13
CA SER A 283 -4.45 -5.96 23.73
C SER A 283 -4.74 -7.45 23.91
N GLN A 284 -5.49 -7.80 24.95
CA GLN A 284 -5.73 -9.21 25.25
C GLN A 284 -6.71 -9.84 24.26
N HIS A 285 -7.76 -9.11 23.89
CA HIS A 285 -8.80 -9.64 23.02
C HIS A 285 -8.69 -9.04 21.63
N SER A 286 -8.88 -9.86 20.61
CA SER A 286 -8.78 -9.45 19.21
C SER A 286 -10.14 -9.58 18.55
N THR A 287 -10.57 -8.52 17.88
CA THR A 287 -11.84 -8.49 17.17
C THR A 287 -11.58 -8.53 15.68
N THR A 288 -12.18 -9.50 15.00
CA THR A 288 -12.01 -9.63 13.56
C THR A 288 -12.69 -8.48 12.82
N THR A 289 -12.15 -8.15 11.65
CA THR A 289 -12.72 -7.09 10.85
C THR A 289 -14.10 -7.49 10.34
N PRO A 290 -15.06 -6.57 10.28
CA PRO A 290 -16.39 -6.92 9.79
C PRO A 290 -16.35 -7.41 8.35
N LEU A 291 -17.20 -8.40 8.06
CA LEU A 291 -17.32 -8.97 6.74
C LEU A 291 -18.79 -9.08 6.36
N LYS A 292 -19.08 -8.91 5.07
CA LYS A 292 -20.45 -8.97 4.59
C LYS A 292 -20.94 -10.41 4.60
N SER A 293 -21.89 -10.71 5.48
CA SER A 293 -22.44 -12.06 5.56
C SER A 293 -23.25 -12.39 4.31
N ASN A 294 -23.24 -13.67 3.95
CA ASN A 294 -23.97 -14.14 2.78
C ASN A 294 -25.48 -14.13 2.98
N GLY A 295 -25.96 -13.95 4.21
CA GLY A 295 -27.38 -13.94 4.45
C GLY A 295 -28.06 -12.69 3.91
N SER A 296 -29.38 -12.76 3.82
CA SER A 296 -30.17 -11.64 3.31
C SER A 296 -30.30 -10.49 4.29
N ASN A 297 -29.90 -10.69 5.56
CA ASN A 297 -30.00 -9.63 6.55
C ASN A 297 -29.01 -8.50 6.33
N GLN A 298 -28.02 -8.69 5.44
CA GLN A 298 -27.00 -7.68 5.16
C GLN A 298 -26.22 -7.30 6.42
N GLY A 299 -26.10 -8.23 7.36
CA GLY A 299 -25.36 -8.00 8.58
C GLY A 299 -23.89 -8.37 8.45
N PHE A 300 -23.17 -8.16 9.54
CA PHE A 300 -21.75 -8.47 9.64
C PHE A 300 -21.53 -9.47 10.77
N PHE A 301 -20.65 -10.44 10.53
CA PHE A 301 -20.28 -11.43 11.53
C PHE A 301 -18.87 -11.15 12.01
N ILE A 302 -18.70 -11.05 13.32
CA ILE A 302 -17.41 -10.80 13.93
C ILE A 302 -17.23 -11.76 15.10
N PHE A 303 -16.06 -12.38 15.19
CA PHE A 303 -15.72 -13.33 16.25
C PHE A 303 -14.65 -12.70 17.12
N SER A 304 -15.07 -12.06 18.20
CA SER A 304 -14.12 -11.51 19.17
C SER A 304 -13.53 -12.65 19.99
N ARG A 305 -12.22 -12.81 19.92
CA ARG A 305 -11.50 -13.89 20.59
C ARG A 305 -10.69 -13.30 21.75
N LEU A 306 -10.97 -13.77 22.96
CA LEU A 306 -10.25 -13.35 24.15
C LEU A 306 -9.42 -14.53 24.66
N GLU A 307 -8.10 -14.36 24.68
CA GLU A 307 -7.21 -15.40 25.16
C GLU A 307 -6.94 -15.20 26.64
N VAL A 308 -7.33 -16.17 27.45
CA VAL A 308 -7.13 -16.14 28.89
C VAL A 308 -6.45 -17.44 29.32
N ALA A 309 -5.49 -17.32 30.23
CA ALA A 309 -4.72 -18.46 30.69
C ALA A 309 -5.55 -19.30 31.66
N LYS A 310 -4.94 -20.38 32.16
CA LYS A 310 -5.63 -21.27 33.09
C LYS A 310 -5.93 -20.57 34.40
N THR A 311 -5.01 -19.74 34.88
CA THR A 311 -5.20 -19.10 36.19
C THR A 311 -6.41 -18.18 36.18
N LEU A 312 -6.59 -17.39 35.11
CA LEU A 312 -7.72 -16.48 35.04
C LEU A 312 -9.05 -17.24 35.01
N TRP A 313 -9.12 -18.32 34.24
CA TRP A 313 -10.36 -19.04 34.06
C TRP A 313 -10.71 -19.91 35.26
N THR A 314 -9.70 -20.40 35.99
CA THR A 314 -9.95 -21.31 37.10
C THR A 314 -10.32 -20.61 38.40
N GLN A 315 -10.30 -19.28 38.43
CA GLN A 315 -10.65 -18.52 39.63
C GLN A 315 -12.12 -18.13 39.68
N ARG A 316 -13.00 -18.88 39.00
CA ARG A 316 -14.43 -18.62 38.99
C ARG A 316 -14.74 -17.21 38.50
N LYS A 317 -14.02 -16.77 37.48
CA LYS A 317 -14.24 -15.46 36.89
C LYS A 317 -15.33 -15.55 35.83
N GLN A 318 -16.29 -14.63 35.89
CA GLN A 318 -17.34 -14.53 34.89
C GLN A 318 -16.96 -13.46 33.87
N PHE A 319 -17.04 -13.82 32.59
CA PHE A 319 -16.64 -12.95 31.50
C PHE A 319 -17.88 -12.48 30.75
N THR A 320 -17.98 -11.17 30.53
CA THR A 320 -19.14 -10.57 29.88
C THR A 320 -18.70 -9.94 28.55
N CYS A 321 -19.33 -10.38 27.47
CA CYS A 321 -19.17 -9.75 26.17
C CYS A 321 -20.19 -8.62 26.07
N GLN A 322 -19.70 -7.39 25.87
CA GLN A 322 -20.54 -6.21 25.80
C GLN A 322 -20.50 -5.64 24.39
N VAL A 323 -21.69 -5.35 23.84
CA VAL A 323 -21.84 -4.89 22.47
C VAL A 323 -22.58 -3.56 22.51
N ILE A 324 -22.00 -2.56 21.83
CA ILE A 324 -22.60 -1.23 21.72
C ILE A 324 -22.88 -0.97 20.25
N HIS A 325 -24.14 -0.73 19.93
CA HIS A 325 -24.56 -0.47 18.57
C HIS A 325 -25.79 0.43 18.59
N GLU A 326 -26.00 1.14 17.49
CA GLU A 326 -27.12 2.09 17.42
C GLU A 326 -28.47 1.41 17.24
N ALA A 327 -28.50 0.20 16.68
CA ALA A 327 -29.77 -0.48 16.47
C ALA A 327 -30.35 -1.03 17.76
N LEU A 328 -29.54 -1.19 18.81
CA LEU A 328 -30.04 -1.69 20.08
C LEU A 328 -30.86 -0.62 20.78
N GLN A 329 -31.77 -1.07 21.65
CA GLN A 329 -32.58 -0.16 22.44
C GLN A 329 -31.72 0.48 23.53
N LYS A 330 -32.33 1.37 24.30
CA LYS A 330 -31.60 2.08 25.35
C LYS A 330 -31.10 1.09 26.39
N PRO A 331 -29.89 1.29 26.93
CA PRO A 331 -28.92 2.36 26.61
C PRO A 331 -27.91 1.97 25.55
N ARG A 332 -28.35 1.32 24.46
CA ARG A 332 -27.46 0.91 23.37
C ARG A 332 -26.33 0.01 23.88
N LYS A 333 -26.67 -0.90 24.79
CA LYS A 333 -25.69 -1.82 25.35
C LYS A 333 -26.33 -3.19 25.54
N LEU A 334 -25.67 -4.23 25.07
CA LEU A 334 -26.12 -5.61 25.25
C LEU A 334 -25.00 -6.42 25.87
N GLU A 335 -25.28 -7.08 26.98
CA GLU A 335 -24.28 -7.83 27.73
C GLU A 335 -24.65 -9.30 27.78
N LYS A 336 -23.68 -10.16 27.49
CA LYS A 336 -23.83 -11.61 27.60
C LYS A 336 -22.74 -12.14 28.52
N THR A 337 -23.14 -12.71 29.65
CA THR A 337 -22.21 -13.14 30.69
C THR A 337 -22.12 -14.67 30.70
N ILE A 338 -20.89 -15.18 30.74
CA ILE A 338 -20.62 -16.61 30.82
C ILE A 338 -19.75 -16.87 32.03
N SER A 339 -20.12 -17.87 32.82
CA SER A 339 -19.39 -18.25 34.03
C SER A 339 -18.64 -19.55 33.78
N THR A 340 -17.90 -19.99 34.81
CA THR A 340 -17.10 -21.20 34.72
C THR A 340 -17.74 -22.39 35.43
N SER A 341 -18.79 -22.18 36.20
CA SER A 341 -19.43 -23.25 36.96
C SER A 341 -20.49 -23.98 36.16
N LEU A 342 -20.78 -23.55 34.93
CA LEU A 342 -21.80 -24.19 34.11
C LEU A 342 -21.27 -25.50 33.52
N LYS B 29 -11.40 40.26 -42.26
CA LYS B 29 -11.16 40.52 -40.85
C LYS B 29 -9.90 39.79 -40.37
N PRO B 30 -9.15 40.42 -39.46
CA PRO B 30 -7.94 39.79 -38.93
C PRO B 30 -8.29 38.59 -38.04
N LYS B 31 -7.26 37.81 -37.74
CA LYS B 31 -7.40 36.61 -36.93
C LYS B 31 -6.60 36.76 -35.65
N VAL B 32 -7.22 36.42 -34.52
CA VAL B 32 -6.56 36.46 -33.23
C VAL B 32 -5.86 35.13 -33.01
N SER B 33 -4.54 35.16 -32.93
CA SER B 33 -3.73 33.96 -32.76
C SER B 33 -3.09 33.98 -31.38
N LEU B 34 -3.15 32.85 -30.68
CA LEU B 34 -2.58 32.69 -29.37
C LEU B 34 -1.23 31.98 -29.47
N ASN B 35 -0.24 32.51 -28.74
CA ASN B 35 1.06 31.85 -28.71
C ASN B 35 0.98 30.41 -28.21
N PRO B 36 0.26 30.10 -27.14
CA PRO B 36 -0.05 28.70 -26.85
C PRO B 36 -1.17 28.20 -27.76
N PRO B 37 -0.99 27.05 -28.41
CA PRO B 37 -2.03 26.54 -29.31
C PRO B 37 -3.33 26.15 -28.61
N TRP B 38 -3.44 26.33 -27.31
CA TRP B 38 -4.63 25.96 -26.55
C TRP B 38 -5.22 27.19 -25.88
N ASN B 39 -6.55 27.31 -25.96
CA ASN B 39 -7.27 28.43 -25.36
C ASN B 39 -7.78 28.13 -23.96
N ARG B 40 -7.10 27.26 -23.23
CA ARG B 40 -7.48 26.86 -21.87
C ARG B 40 -6.32 27.06 -20.92
N ILE B 41 -5.72 28.26 -20.96
CA ILE B 41 -4.54 28.54 -20.16
C ILE B 41 -4.87 28.44 -18.66
N PHE B 42 -3.83 28.31 -17.86
CA PHE B 42 -3.96 28.14 -16.41
C PHE B 42 -4.21 29.51 -15.76
N LYS B 43 -4.20 29.52 -14.42
CA LYS B 43 -4.31 30.75 -13.66
C LYS B 43 -2.91 31.19 -13.27
N GLY B 44 -2.41 32.22 -13.95
CA GLY B 44 -1.07 32.72 -13.72
C GLY B 44 -0.08 32.53 -14.85
N GLU B 45 -0.52 32.02 -16.00
CA GLU B 45 0.36 31.82 -17.14
C GLU B 45 0.40 33.07 -18.02
N ASN B 46 1.36 33.08 -18.93
CA ASN B 46 1.54 34.17 -19.89
C ASN B 46 0.97 33.75 -21.23
N VAL B 47 0.18 34.63 -21.84
CA VAL B 47 -0.42 34.36 -23.15
C VAL B 47 -0.21 35.58 -24.04
N THR B 48 0.18 35.33 -25.29
CA THR B 48 0.42 36.38 -26.27
C THR B 48 -0.63 36.29 -27.37
N LEU B 49 -1.33 37.40 -27.60
CA LEU B 49 -2.35 37.50 -28.63
C LEU B 49 -1.83 38.36 -29.76
N THR B 50 -1.90 37.84 -30.99
CA THR B 50 -1.46 38.54 -32.18
C THR B 50 -2.63 38.72 -33.13
N CYS B 51 -2.81 39.95 -33.62
CA CYS B 51 -3.88 40.27 -34.56
C CYS B 51 -3.36 40.11 -35.98
N ASN B 52 -3.18 38.86 -36.38
CA ASN B 52 -2.58 38.55 -37.68
C ASN B 52 -3.50 38.96 -38.82
N GLY B 53 -2.90 39.50 -39.88
CA GLY B 53 -3.62 39.91 -41.06
C GLY B 53 -2.70 40.39 -42.16
N ASN B 54 -3.01 40.01 -43.40
CA ASN B 54 -2.17 40.35 -44.54
C ASN B 54 -2.56 41.71 -45.11
N ASN B 55 -1.58 42.39 -45.68
CA ASN B 55 -1.78 43.70 -46.32
C ASN B 55 -2.38 44.71 -45.35
N PHE B 56 -1.90 44.70 -44.10
CA PHE B 56 -2.40 45.61 -43.08
C PHE B 56 -1.36 46.65 -42.68
N PHE B 57 -0.16 46.21 -42.27
CA PHE B 57 0.90 47.10 -41.78
C PHE B 57 0.39 47.95 -40.61
N GLU B 58 1.07 49.07 -40.35
CA GLU B 58 0.67 50.03 -39.33
C GLU B 58 0.48 49.35 -37.97
N VAL B 59 1.58 48.82 -37.44
CA VAL B 59 1.53 48.12 -36.16
C VAL B 59 1.09 49.04 -35.04
N SER B 60 1.36 50.34 -35.15
CA SER B 60 1.02 51.30 -34.11
C SER B 60 -0.48 51.52 -33.97
N SER B 61 -1.29 51.05 -34.92
CA SER B 61 -2.74 51.23 -34.90
C SER B 61 -3.40 49.87 -34.77
N THR B 62 -3.70 49.47 -33.52
CA THR B 62 -4.37 48.20 -33.26
C THR B 62 -5.12 48.33 -31.94
N LYS B 63 -6.45 48.37 -32.01
CA LYS B 63 -7.28 48.49 -30.83
C LYS B 63 -7.67 47.11 -30.31
N TRP B 64 -7.72 46.97 -28.99
CA TRP B 64 -8.07 45.72 -28.35
C TRP B 64 -9.31 45.92 -27.47
N PHE B 65 -10.25 44.99 -27.57
CA PHE B 65 -11.50 45.05 -26.84
C PHE B 65 -11.64 43.83 -25.95
N HIS B 66 -11.89 44.07 -24.65
CA HIS B 66 -12.15 43.03 -23.67
C HIS B 66 -13.58 43.21 -23.19
N ASN B 67 -14.46 42.28 -23.57
CA ASN B 67 -15.90 42.37 -23.28
C ASN B 67 -16.50 43.66 -23.81
N GLY B 68 -16.00 44.14 -24.95
CA GLY B 68 -16.48 45.36 -25.56
C GLY B 68 -15.82 46.63 -25.06
N SER B 69 -14.94 46.54 -24.07
CA SER B 69 -14.27 47.70 -23.52
C SER B 69 -12.85 47.81 -24.05
N LEU B 70 -12.48 49.02 -24.48
CA LEU B 70 -11.15 49.26 -24.99
C LEU B 70 -10.11 49.15 -23.88
N SER B 71 -8.98 48.53 -24.19
CA SER B 71 -7.90 48.34 -23.24
C SER B 71 -6.78 49.33 -23.52
N GLU B 72 -5.72 49.25 -22.72
CA GLU B 72 -4.57 50.14 -22.84
C GLU B 72 -3.57 49.69 -23.88
N GLU B 73 -3.70 48.47 -24.40
CA GLU B 73 -2.75 47.98 -25.39
C GLU B 73 -2.95 48.69 -26.73
N THR B 74 -1.84 49.05 -27.36
CA THR B 74 -1.86 49.74 -28.64
C THR B 74 -1.21 48.95 -29.77
N ASN B 75 -0.15 48.20 -29.49
CA ASN B 75 0.52 47.42 -30.53
C ASN B 75 -0.30 46.19 -30.90
N SER B 76 0.11 45.55 -31.99
CA SER B 76 -0.59 44.38 -32.50
C SER B 76 -0.40 43.13 -31.63
N SER B 77 0.55 43.16 -30.70
CA SER B 77 0.81 42.03 -29.82
C SER B 77 0.44 42.41 -28.39
N LEU B 78 -0.40 41.59 -27.76
CA LEU B 78 -0.83 41.80 -26.39
C LEU B 78 -0.31 40.67 -25.52
N ASN B 79 0.41 41.02 -24.45
CA ASN B 79 0.98 40.05 -23.53
C ASN B 79 0.23 40.09 -22.21
N ILE B 80 -0.16 38.92 -21.72
CA ILE B 80 -0.83 38.79 -20.43
C ILE B 80 0.06 37.94 -19.54
N VAL B 81 0.44 38.49 -18.39
CA VAL B 81 1.31 37.84 -17.42
C VAL B 81 0.55 37.66 -16.12
N ASN B 82 0.59 36.45 -15.57
CA ASN B 82 -0.11 36.11 -14.34
C ASN B 82 -1.63 36.35 -14.50
N ALA B 83 -2.22 35.61 -15.43
CA ALA B 83 -3.62 35.77 -15.74
C ALA B 83 -4.49 35.32 -14.57
N LYS B 84 -5.55 36.07 -14.31
CA LYS B 84 -6.52 35.77 -13.27
C LYS B 84 -7.84 35.35 -13.90
N PHE B 85 -8.85 35.14 -13.05
CA PHE B 85 -10.17 34.78 -13.55
C PHE B 85 -10.83 35.93 -14.30
N GLU B 86 -10.52 37.17 -13.93
CA GLU B 86 -11.10 38.32 -14.60
C GLU B 86 -10.64 38.44 -16.05
N ASP B 87 -9.48 37.89 -16.38
CA ASP B 87 -8.99 37.94 -17.75
C ASP B 87 -9.75 37.02 -18.69
N SER B 88 -10.56 36.10 -18.17
CA SER B 88 -11.35 35.24 -19.02
C SER B 88 -12.45 36.03 -19.72
N GLY B 89 -12.92 35.49 -20.86
CA GLY B 89 -13.96 36.10 -21.63
C GLY B 89 -13.56 36.19 -23.08
N GLU B 90 -14.19 37.12 -23.79
CA GLU B 90 -13.98 37.29 -25.22
C GLU B 90 -12.96 38.41 -25.47
N TYR B 91 -12.00 38.13 -26.34
CA TYR B 91 -11.01 39.10 -26.77
C TYR B 91 -11.24 39.44 -28.23
N LYS B 92 -11.10 40.73 -28.57
CA LYS B 92 -11.31 41.20 -29.93
C LYS B 92 -10.19 42.16 -30.30
N CYS B 93 -9.78 42.14 -31.56
CA CYS B 93 -8.75 43.05 -32.04
C CYS B 93 -9.20 43.67 -33.36
N GLN B 94 -9.02 44.98 -33.49
CA GLN B 94 -9.43 45.73 -34.67
C GLN B 94 -8.24 46.54 -35.19
N HIS B 95 -8.09 46.58 -36.51
CA HIS B 95 -7.02 47.32 -37.14
C HIS B 95 -7.58 48.19 -38.26
N GLN B 96 -7.17 49.45 -38.29
CA GLN B 96 -7.56 50.41 -39.33
C GLN B 96 -9.09 50.52 -39.31
N GLN B 97 -9.73 50.63 -40.47
CA GLN B 97 -11.19 50.76 -40.55
C GLN B 97 -11.88 49.44 -40.89
N VAL B 98 -11.13 48.33 -40.91
CA VAL B 98 -11.74 47.05 -41.25
C VAL B 98 -12.68 46.61 -40.13
N ASN B 99 -13.56 45.67 -40.45
CA ASN B 99 -14.52 45.17 -39.49
C ASN B 99 -13.83 44.43 -38.36
N GLU B 100 -14.50 44.40 -37.19
CA GLU B 100 -13.92 43.79 -36.01
C GLU B 100 -13.73 42.29 -36.20
N SER B 101 -12.68 41.76 -35.58
CA SER B 101 -12.32 40.36 -35.71
C SER B 101 -13.22 39.49 -34.83
N GLU B 102 -12.97 38.19 -34.86
CA GLU B 102 -13.77 37.26 -34.08
C GLU B 102 -13.47 37.43 -32.59
N PRO B 103 -14.50 37.40 -31.73
CA PRO B 103 -14.25 37.48 -30.28
C PRO B 103 -13.78 36.16 -29.71
N VAL B 104 -12.48 35.89 -29.79
CA VAL B 104 -11.95 34.60 -29.35
C VAL B 104 -12.16 34.45 -27.85
N TYR B 105 -12.69 33.30 -27.45
CA TYR B 105 -13.02 33.05 -26.04
C TYR B 105 -11.85 32.37 -25.36
N LEU B 106 -11.32 33.00 -24.30
CA LEU B 106 -10.25 32.45 -23.49
C LEU B 106 -10.80 32.23 -22.09
N GLU B 107 -10.70 30.99 -21.59
CA GLU B 107 -11.24 30.63 -20.29
C GLU B 107 -10.14 30.07 -19.42
N VAL B 108 -10.15 30.45 -18.14
CA VAL B 108 -9.14 30.05 -17.17
C VAL B 108 -9.75 29.06 -16.21
N PHE B 109 -9.10 27.91 -16.05
CA PHE B 109 -9.55 26.87 -15.12
C PHE B 109 -8.52 26.69 -14.01
N SER B 110 -9.00 26.14 -12.89
CA SER B 110 -8.16 25.87 -11.73
C SER B 110 -8.54 24.50 -11.16
N ASP B 111 -7.85 23.47 -11.60
CA ASP B 111 -8.06 22.10 -11.12
C ASP B 111 -6.78 21.31 -11.37
N TRP B 112 -6.77 20.05 -10.91
CA TRP B 112 -5.57 19.23 -11.02
C TRP B 112 -5.22 18.94 -12.48
N LEU B 113 -6.21 18.58 -13.30
CA LEU B 113 -5.98 18.27 -14.70
C LEU B 113 -7.03 18.99 -15.55
N LEU B 114 -6.56 19.71 -16.56
CA LEU B 114 -7.42 20.53 -17.41
C LEU B 114 -7.07 20.30 -18.88
N LEU B 115 -7.06 19.02 -19.27
CA LEU B 115 -6.65 18.58 -20.60
C LEU B 115 -7.08 19.55 -21.70
N GLN B 116 -6.13 19.95 -22.51
CA GLN B 116 -6.31 21.01 -23.50
C GLN B 116 -6.29 20.44 -24.91
N ALA B 117 -6.98 21.15 -25.80
CA ALA B 117 -7.05 20.83 -27.21
C ALA B 117 -6.65 22.05 -28.03
N SER B 118 -6.32 21.81 -29.31
CA SER B 118 -5.95 22.90 -30.18
C SER B 118 -7.11 23.88 -30.36
N ALA B 119 -8.32 23.37 -30.55
CA ALA B 119 -9.49 24.21 -30.70
C ALA B 119 -10.73 23.40 -30.33
N GLU B 120 -11.76 24.11 -29.84
CA GLU B 120 -13.02 23.45 -29.52
C GLU B 120 -13.67 22.86 -30.77
N VAL B 121 -13.65 23.60 -31.88
CA VAL B 121 -14.20 23.14 -33.15
C VAL B 121 -13.05 23.01 -34.13
N VAL B 122 -12.93 21.82 -34.71
CA VAL B 122 -11.86 21.51 -35.66
C VAL B 122 -12.49 21.02 -36.95
N MET B 123 -12.10 21.62 -38.07
CA MET B 123 -12.59 21.19 -39.37
C MET B 123 -12.07 19.78 -39.69
N GLU B 124 -12.89 19.03 -40.43
CA GLU B 124 -12.51 17.67 -40.80
C GLU B 124 -11.24 17.65 -41.63
N GLY B 125 -10.31 16.77 -41.28
CA GLY B 125 -9.04 16.67 -41.96
C GLY B 125 -7.93 17.47 -41.32
N GLN B 126 -8.25 18.46 -40.49
CA GLN B 126 -7.23 19.24 -39.81
C GLN B 126 -6.65 18.45 -38.63
N PRO B 127 -5.37 18.65 -38.33
CA PRO B 127 -4.77 17.95 -37.19
C PRO B 127 -5.40 18.39 -35.88
N LEU B 128 -5.51 17.45 -34.94
CA LEU B 128 -6.08 17.71 -33.62
C LEU B 128 -5.10 17.22 -32.56
N PHE B 129 -4.76 18.08 -31.61
CA PHE B 129 -3.83 17.77 -30.54
C PHE B 129 -4.57 17.83 -29.21
N LEU B 130 -4.53 16.73 -28.47
CA LEU B 130 -5.12 16.64 -27.13
C LEU B 130 -4.01 16.29 -26.14
N ARG B 131 -3.92 17.04 -25.05
CA ARG B 131 -2.90 16.73 -24.06
C ARG B 131 -3.42 16.99 -22.65
N CYS B 132 -3.21 16.02 -21.77
CA CYS B 132 -3.63 16.13 -20.37
C CYS B 132 -2.61 16.96 -19.62
N HIS B 133 -3.02 18.15 -19.17
CA HIS B 133 -2.11 19.11 -18.55
C HIS B 133 -2.46 19.29 -17.08
N GLY B 134 -1.43 19.17 -16.22
CA GLY B 134 -1.59 19.32 -14.79
C GLY B 134 -1.11 20.68 -14.29
N TRP B 135 -1.39 20.93 -13.01
CA TRP B 135 -1.12 22.23 -12.41
C TRP B 135 0.37 22.53 -12.38
N ARG B 136 0.72 23.76 -12.77
CA ARG B 136 2.12 24.23 -12.78
C ARG B 136 3.01 23.32 -13.61
N ASN B 137 2.46 22.79 -14.71
CA ASN B 137 3.21 21.96 -15.65
C ASN B 137 3.84 20.76 -14.97
N TRP B 138 3.14 20.21 -13.97
CA TRP B 138 3.64 19.03 -13.27
C TRP B 138 3.51 17.79 -14.16
N ASP B 139 4.48 16.89 -14.04
CA ASP B 139 4.47 15.67 -14.83
C ASP B 139 3.30 14.80 -14.41
N VAL B 140 2.65 14.17 -15.38
CA VAL B 140 1.48 13.34 -15.16
C VAL B 140 1.80 11.92 -15.63
N TYR B 141 1.57 10.94 -14.76
CA TYR B 141 1.80 9.55 -15.06
C TYR B 141 0.47 8.78 -15.04
N LYS B 142 0.50 7.58 -15.60
CA LYS B 142 -0.68 6.72 -15.69
C LYS B 142 -1.84 7.44 -16.37
N VAL B 143 -1.54 8.14 -17.46
CA VAL B 143 -2.55 8.93 -18.16
C VAL B 143 -3.43 7.98 -18.96
N ILE B 144 -4.73 8.00 -18.66
CA ILE B 144 -5.72 7.20 -19.37
C ILE B 144 -6.75 8.16 -19.95
N TYR B 145 -6.96 8.09 -21.27
CA TYR B 145 -7.90 8.95 -21.97
C TYR B 145 -9.21 8.19 -22.18
N TYR B 146 -10.33 8.82 -21.82
CA TYR B 146 -11.65 8.25 -21.99
C TYR B 146 -12.47 9.14 -22.90
N LYS B 147 -13.09 8.53 -23.90
CA LYS B 147 -13.98 9.22 -24.84
C LYS B 147 -15.40 8.73 -24.61
N ASP B 148 -16.32 9.67 -24.35
CA ASP B 148 -17.73 9.41 -24.07
C ASP B 148 -17.94 8.22 -23.14
N GLY B 149 -17.07 8.08 -22.14
CA GLY B 149 -17.15 6.99 -21.20
C GLY B 149 -16.37 5.74 -21.58
N GLU B 150 -15.76 5.71 -22.75
CA GLU B 150 -14.98 4.57 -23.20
C GLU B 150 -13.51 4.96 -23.29
N ALA B 151 -12.64 4.14 -22.72
CA ALA B 151 -11.21 4.42 -22.72
C ALA B 151 -10.66 4.37 -24.13
N LEU B 152 -9.72 5.26 -24.42
CA LEU B 152 -9.08 5.35 -25.73
C LEU B 152 -7.63 4.91 -25.72
N LYS B 153 -6.81 5.52 -24.87
CA LYS B 153 -5.39 5.19 -24.79
C LYS B 153 -4.95 5.18 -23.33
N TYR B 154 -3.89 4.43 -23.06
CA TYR B 154 -3.28 4.35 -21.74
C TYR B 154 -1.77 4.49 -21.88
N TRP B 155 -1.16 5.31 -21.03
CA TRP B 155 0.27 5.51 -21.06
C TRP B 155 0.80 5.67 -19.64
N TYR B 156 2.07 5.29 -19.45
CA TYR B 156 2.77 5.56 -18.22
C TYR B 156 3.47 6.92 -18.23
N GLU B 157 3.93 7.38 -19.38
CA GLU B 157 4.50 8.71 -19.56
C GLU B 157 3.51 9.56 -20.34
N ASN B 158 3.36 10.81 -19.95
CA ASN B 158 2.40 11.70 -20.61
C ASN B 158 2.75 11.87 -22.09
N HIS B 159 1.75 11.81 -22.95
CA HIS B 159 1.95 11.91 -24.40
C HIS B 159 0.84 12.79 -24.97
N ASN B 160 0.80 12.88 -26.29
CA ASN B 160 -0.18 13.69 -27.01
C ASN B 160 -1.04 12.80 -27.89
N ILE B 161 -2.34 13.03 -27.86
CA ILE B 161 -3.27 12.44 -28.83
C ILE B 161 -3.24 13.31 -30.07
N SER B 162 -2.61 12.82 -31.13
CA SER B 162 -2.43 13.55 -32.37
C SER B 162 -3.23 12.86 -33.47
N ILE B 163 -4.37 13.45 -33.82
CA ILE B 163 -5.22 12.94 -34.90
C ILE B 163 -4.90 13.76 -36.14
N THR B 164 -4.08 13.20 -37.03
CA THR B 164 -3.69 13.91 -38.25
C THR B 164 -4.90 14.14 -39.15
N ASN B 165 -5.77 13.15 -39.28
CA ASN B 165 -6.97 13.23 -40.10
C ASN B 165 -8.18 13.09 -39.18
N ALA B 166 -8.78 14.23 -38.83
CA ALA B 166 -9.95 14.22 -37.97
C ALA B 166 -11.13 13.57 -38.67
N THR B 167 -11.87 12.74 -37.93
CA THR B 167 -13.02 12.03 -38.45
C THR B 167 -14.27 12.41 -37.67
N VAL B 168 -15.42 12.04 -38.21
CA VAL B 168 -16.69 12.34 -37.56
C VAL B 168 -16.82 11.58 -36.25
N GLU B 169 -16.29 10.35 -36.20
CA GLU B 169 -16.38 9.53 -35.00
C GLU B 169 -15.60 10.14 -33.83
N ASP B 170 -14.69 11.07 -34.10
CA ASP B 170 -13.92 11.70 -33.02
C ASP B 170 -14.76 12.66 -32.18
N SER B 171 -15.97 12.98 -32.61
CA SER B 171 -16.82 13.88 -31.84
C SER B 171 -17.27 13.23 -30.54
N GLY B 172 -17.42 14.05 -29.51
CA GLY B 172 -17.83 13.57 -28.21
C GLY B 172 -17.17 14.28 -27.04
N THR B 173 -17.03 13.54 -25.94
CA THR B 173 -16.47 14.08 -24.70
C THR B 173 -15.19 13.32 -24.36
N TYR B 174 -14.11 14.08 -24.15
CA TYR B 174 -12.82 13.51 -23.78
C TYR B 174 -12.44 13.96 -22.37
N TYR B 175 -11.91 13.03 -21.59
CA TYR B 175 -11.39 13.37 -20.27
C TYR B 175 -10.28 12.41 -19.89
N CYS B 176 -9.27 12.91 -19.19
CA CYS B 176 -8.11 12.12 -18.82
C CYS B 176 -8.07 11.89 -17.31
N THR B 177 -7.70 10.68 -16.93
CA THR B 177 -7.43 10.33 -15.53
C THR B 177 -5.93 10.10 -15.40
N GLY B 178 -5.31 10.81 -14.46
CA GLY B 178 -3.86 10.78 -14.35
C GLY B 178 -3.41 10.67 -12.90
N LYS B 179 -2.27 10.01 -12.72
CA LYS B 179 -1.67 9.86 -11.40
C LYS B 179 -0.57 10.90 -11.25
N VAL B 180 -0.85 11.96 -10.50
CA VAL B 180 0.08 13.05 -10.24
C VAL B 180 0.49 12.99 -8.78
N TRP B 181 1.79 12.98 -8.53
CA TRP B 181 2.34 12.89 -7.17
C TRP B 181 1.74 11.70 -6.41
N GLN B 182 1.65 10.58 -7.12
CA GLN B 182 1.14 9.31 -6.59
C GLN B 182 -0.32 9.41 -6.14
N LEU B 183 -1.07 10.38 -6.64
CA LEU B 183 -2.50 10.49 -6.37
C LEU B 183 -3.25 10.52 -7.70
N ASP B 184 -4.27 9.68 -7.81
CA ASP B 184 -5.03 9.54 -9.05
C ASP B 184 -6.18 10.54 -9.05
N TYR B 185 -6.26 11.35 -10.10
CA TYR B 185 -7.27 12.39 -10.23
C TYR B 185 -7.88 12.37 -11.62
N GLU B 186 -9.10 12.89 -11.71
CA GLU B 186 -9.86 12.93 -12.95
C GLU B 186 -10.00 14.37 -13.42
N SER B 187 -9.91 14.56 -14.74
CA SER B 187 -9.98 15.89 -15.33
C SER B 187 -11.42 16.27 -15.63
N GLU B 188 -11.60 17.52 -16.09
CA GLU B 188 -12.90 18.05 -16.49
C GLU B 188 -13.26 17.55 -17.88
N PRO B 189 -14.50 17.06 -18.09
CA PRO B 189 -14.88 16.57 -19.41
C PRO B 189 -14.86 17.68 -20.46
N LEU B 190 -14.56 17.30 -21.70
CA LEU B 190 -14.42 18.22 -22.81
C LEU B 190 -15.57 18.03 -23.79
N ASN B 191 -15.63 18.89 -24.80
CA ASN B 191 -16.69 18.95 -25.80
C ASN B 191 -16.13 18.90 -27.21
N ILE B 192 -15.27 17.92 -27.47
CA ILE B 192 -14.52 17.91 -28.73
C ILE B 192 -15.45 17.53 -29.87
N THR B 193 -15.88 18.52 -30.65
CA THR B 193 -16.79 18.30 -31.77
C THR B 193 -16.16 18.81 -33.06
N VAL B 194 -16.29 18.01 -34.12
CA VAL B 194 -15.76 18.37 -35.43
C VAL B 194 -16.92 18.64 -36.38
N ILE B 195 -16.60 19.29 -37.49
CA ILE B 195 -17.60 19.62 -38.49
C ILE B 195 -17.41 18.76 -39.73
N ASP C 27 40.60 -18.17 2.84
CA ASP C 27 39.23 -18.01 2.34
C ASP C 27 38.56 -16.78 2.94
N PRO C 28 38.88 -15.60 2.41
CA PRO C 28 38.28 -14.37 2.94
C PRO C 28 36.79 -14.29 2.64
N THR C 29 36.09 -13.55 3.50
CA THR C 29 34.67 -13.30 3.35
C THR C 29 34.48 -11.86 2.86
N LEU C 30 33.69 -11.71 1.80
CA LEU C 30 33.47 -10.41 1.17
C LEU C 30 32.04 -9.96 1.42
N GLU C 31 31.89 -8.70 1.87
CA GLU C 31 30.58 -8.10 2.10
C GLU C 31 30.58 -6.70 1.51
N LEU C 32 29.90 -6.53 0.38
CA LEU C 32 29.80 -5.22 -0.28
C LEU C 32 28.42 -4.64 -0.03
N LEU C 33 28.38 -3.44 0.55
CA LEU C 33 27.14 -2.79 0.94
C LEU C 33 27.14 -1.35 0.46
N HIS C 34 25.95 -0.81 0.25
CA HIS C 34 25.76 0.59 -0.13
C HIS C 34 24.95 1.29 0.94
N SER C 35 25.41 2.48 1.33
CA SER C 35 24.78 3.22 2.42
C SER C 35 23.37 3.68 2.03
N SER C 36 22.54 3.88 3.05
CA SER C 36 21.17 4.28 2.83
C SER C 36 21.06 5.77 2.55
N CYS C 37 20.15 6.12 1.64
CA CYS C 37 19.87 7.51 1.30
C CYS C 37 18.97 8.12 2.39
N ASP C 38 19.49 9.10 3.10
CA ASP C 38 18.73 9.72 4.18
C ASP C 38 17.72 10.70 3.61
N PRO C 39 16.42 10.51 3.83
CA PRO C 39 15.44 11.47 3.31
C PRO C 39 15.34 12.74 4.13
N ASN C 40 15.60 12.67 5.44
CA ASN C 40 15.49 13.85 6.29
C ASN C 40 16.75 14.71 6.21
N ALA C 41 17.92 14.09 6.41
CA ALA C 41 19.17 14.83 6.33
C ALA C 41 19.50 15.16 4.89
N PHE C 42 20.05 16.37 4.67
CA PHE C 42 20.42 16.82 3.33
C PHE C 42 21.78 16.23 2.98
N HIS C 43 21.75 14.98 2.52
CA HIS C 43 22.95 14.26 2.12
C HIS C 43 22.77 13.72 0.72
N SER C 44 23.83 13.83 -0.09
CA SER C 44 23.76 13.43 -1.49
C SER C 44 24.89 12.49 -1.90
N THR C 45 25.59 11.88 -0.95
CA THR C 45 26.67 10.95 -1.23
C THR C 45 26.34 9.59 -0.63
N ILE C 46 26.47 8.54 -1.44
CA ILE C 46 26.23 7.18 -0.99
C ILE C 46 27.57 6.54 -0.65
N GLN C 47 27.64 5.90 0.51
CA GLN C 47 28.88 5.31 1.01
C GLN C 47 28.90 3.83 0.68
N LEU C 48 29.78 3.44 -0.23
CA LEU C 48 30.01 2.04 -0.57
C LEU C 48 31.08 1.47 0.34
N TYR C 49 30.76 0.40 1.05
CA TYR C 49 31.69 -0.25 1.97
C TYR C 49 31.93 -1.68 1.50
N CYS C 50 33.19 -2.02 1.25
CA CYS C 50 33.59 -3.38 0.91
C CYS C 50 34.41 -3.92 2.08
N PHE C 51 33.83 -4.86 2.83
CA PHE C 51 34.48 -5.48 3.96
C PHE C 51 35.09 -6.80 3.53
N ILE C 52 36.36 -7.00 3.84
CA ILE C 52 37.08 -8.23 3.55
C ILE C 52 37.57 -8.79 4.87
N TYR C 53 37.16 -10.02 5.19
CA TYR C 53 37.49 -10.66 6.46
C TYR C 53 38.40 -11.85 6.22
N GLY C 54 39.42 -11.98 7.06
CA GLY C 54 40.32 -13.12 7.00
C GLY C 54 41.16 -13.21 5.75
N HIS C 55 41.72 -12.10 5.30
CA HIS C 55 42.59 -12.09 4.13
C HIS C 55 44.04 -12.26 4.58
N ILE C 56 44.98 -12.06 3.66
CA ILE C 56 46.40 -12.28 3.91
C ILE C 56 47.04 -10.95 4.28
N LEU C 57 47.83 -10.96 5.36
CA LEU C 57 48.51 -9.75 5.80
C LEU C 57 49.55 -9.31 4.77
N ASN C 58 49.65 -8.00 4.56
CA ASN C 58 50.60 -7.37 3.65
C ASN C 58 50.40 -7.75 2.20
N ASP C 59 49.38 -8.54 1.88
CA ASP C 59 49.04 -8.93 0.52
C ASP C 59 47.54 -8.66 0.33
N VAL C 60 47.20 -7.42 -0.02
CA VAL C 60 45.81 -7.01 -0.19
C VAL C 60 45.69 -6.22 -1.49
N SER C 61 44.49 -6.23 -2.07
CA SER C 61 44.20 -5.46 -3.27
C SER C 61 42.70 -5.35 -3.41
N VAL C 62 42.18 -4.13 -3.43
CA VAL C 62 40.75 -3.87 -3.58
C VAL C 62 40.55 -3.04 -4.83
N SER C 63 39.63 -3.49 -5.69
CA SER C 63 39.35 -2.80 -6.94
C SER C 63 37.86 -2.47 -7.02
N TRP C 64 37.55 -1.24 -7.35
CA TRP C 64 36.17 -0.79 -7.55
C TRP C 64 35.93 -0.64 -9.04
N LEU C 65 34.97 -1.40 -9.56
CA LEU C 65 34.67 -1.43 -10.99
C LEU C 65 33.26 -0.91 -11.22
N MET C 66 33.12 0.02 -12.15
CA MET C 66 31.82 0.54 -12.57
C MET C 66 31.59 0.09 -14.01
N ASP C 67 30.70 -0.91 -14.17
CA ASP C 67 30.42 -1.52 -15.47
C ASP C 67 31.70 -2.07 -16.10
N ASP C 68 32.43 -2.87 -15.32
CA ASP C 68 33.67 -3.50 -15.76
C ASP C 68 34.71 -2.45 -16.21
N ARG C 69 34.76 -1.34 -15.49
CA ARG C 69 35.74 -0.29 -15.75
C ARG C 69 36.31 0.19 -14.43
N GLU C 70 37.62 0.35 -14.37
CA GLU C 70 38.28 0.78 -13.14
C GLU C 70 37.87 2.21 -12.78
N ILE C 71 37.71 2.45 -11.48
CA ILE C 71 37.29 3.76 -11.01
C ILE C 71 38.44 4.76 -11.16
N THR C 72 38.08 6.02 -11.34
CA THR C 72 39.07 7.10 -11.52
C THR C 72 39.31 7.90 -10.24
N ASP C 73 38.27 8.12 -9.44
CA ASP C 73 38.43 8.89 -8.21
C ASP C 73 39.32 8.17 -7.22
N THR C 74 40.18 8.95 -6.53
CA THR C 74 41.11 8.41 -5.57
C THR C 74 40.60 8.48 -4.13
N LEU C 75 39.36 8.90 -3.93
CA LEU C 75 38.79 9.02 -2.58
C LEU C 75 38.27 7.66 -2.10
N ALA C 76 39.21 6.72 -1.96
CA ALA C 76 38.93 5.36 -1.49
C ALA C 76 39.62 5.20 -0.14
N GLN C 77 38.89 5.53 0.92
CA GLN C 77 39.43 5.44 2.28
C GLN C 77 39.45 3.98 2.72
N THR C 78 40.64 3.42 2.82
CA THR C 78 40.83 2.02 3.24
C THR C 78 41.54 2.01 4.59
N VAL C 79 40.93 1.35 5.57
CA VAL C 79 41.49 1.26 6.91
C VAL C 79 41.26 -0.15 7.44
N LEU C 80 42.26 -0.71 8.10
CA LEU C 80 42.17 -2.05 8.67
C LEU C 80 41.15 -2.06 9.80
N ILE C 81 40.12 -2.90 9.66
CA ILE C 81 39.13 -3.02 10.73
C ILE C 81 39.75 -3.66 11.97
N LYS C 82 40.45 -4.78 11.78
CA LYS C 82 41.01 -5.52 12.91
C LYS C 82 42.01 -6.54 12.39
N GLU C 83 42.79 -7.09 13.32
CA GLU C 83 43.81 -8.08 13.01
C GLU C 83 43.59 -9.32 13.86
N GLU C 84 43.60 -10.49 13.21
CA GLU C 84 43.40 -11.78 13.85
C GLU C 84 44.63 -12.65 13.64
N GLY C 85 45.80 -12.10 13.94
CA GLY C 85 47.04 -12.85 13.81
C GLY C 85 47.36 -13.13 12.36
N LYS C 86 47.18 -14.38 11.94
CA LYS C 86 47.35 -14.73 10.54
C LYS C 86 46.24 -14.18 9.66
N LEU C 87 45.17 -13.63 10.24
CA LEU C 87 44.06 -13.09 9.47
C LEU C 87 43.97 -11.58 9.67
N ALA C 88 43.15 -10.94 8.83
CA ALA C 88 42.91 -9.51 8.95
C ALA C 88 41.55 -9.18 8.34
N SER C 89 40.92 -8.15 8.88
CA SER C 89 39.66 -7.62 8.36
C SER C 89 39.84 -6.15 8.06
N THR C 90 39.46 -5.76 6.84
CA THR C 90 39.67 -4.41 6.34
C THR C 90 38.45 -3.93 5.58
N CYS C 91 38.11 -2.65 5.75
CA CYS C 91 36.98 -2.04 5.05
C CYS C 91 37.48 -0.99 4.07
N SER C 92 36.96 -1.03 2.85
CA SER C 92 37.22 -0.02 1.84
C SER C 92 35.98 0.86 1.68
N LYS C 93 36.18 2.17 1.80
CA LYS C 93 35.09 3.14 1.78
C LYS C 93 35.19 4.01 0.54
N LEU C 94 34.07 4.16 -0.17
CA LEU C 94 34.02 4.96 -1.38
C LEU C 94 32.78 5.84 -1.35
N ASN C 95 32.90 7.03 -1.96
CA ASN C 95 31.79 7.98 -2.05
C ASN C 95 31.27 8.01 -3.48
N ILE C 96 29.96 7.88 -3.65
CA ILE C 96 29.33 7.83 -4.96
C ILE C 96 28.26 8.90 -5.04
N THR C 97 28.26 9.67 -6.12
CA THR C 97 27.19 10.63 -6.36
C THR C 97 25.88 9.91 -6.66
N GLU C 98 24.78 10.53 -6.23
CA GLU C 98 23.46 9.92 -6.43
C GLU C 98 23.14 9.79 -7.91
N GLN C 99 23.54 10.77 -8.73
CA GLN C 99 23.30 10.70 -10.17
C GLN C 99 24.03 9.52 -10.78
N GLN C 100 25.29 9.29 -10.39
CA GLN C 100 26.03 8.14 -10.89
C GLN C 100 25.41 6.83 -10.42
N TRP C 101 24.97 6.78 -9.17
CA TRP C 101 24.39 5.55 -8.63
C TRP C 101 23.07 5.21 -9.31
N MET C 102 22.28 6.23 -9.65
CA MET C 102 20.98 6.02 -10.29
C MET C 102 21.10 5.64 -11.76
N SER C 103 22.31 5.66 -12.32
CA SER C 103 22.51 5.34 -13.74
C SER C 103 22.54 3.84 -13.97
N GLU C 104 22.07 3.07 -13.00
CA GLU C 104 22.05 1.60 -13.07
C GLU C 104 23.46 1.05 -13.32
N SER C 105 24.45 1.67 -12.68
CA SER C 105 25.83 1.22 -12.80
C SER C 105 26.05 0.00 -11.91
N THR C 106 26.56 -1.08 -12.50
CA THR C 106 26.81 -2.32 -11.77
C THR C 106 28.14 -2.22 -11.04
N PHE C 107 28.10 -1.59 -9.87
CA PHE C 107 29.30 -1.46 -9.06
C PHE C 107 29.76 -2.81 -8.54
N THR C 108 31.07 -3.02 -8.53
CA THR C 108 31.66 -4.30 -8.19
C THR C 108 32.92 -4.09 -7.34
N CYS C 109 33.05 -4.89 -6.29
CA CYS C 109 34.27 -4.94 -5.50
C CYS C 109 35.02 -6.23 -5.84
N LYS C 110 36.29 -6.09 -6.19
CA LYS C 110 37.14 -7.21 -6.57
C LYS C 110 38.31 -7.30 -5.61
N VAL C 111 38.54 -8.52 -5.11
CA VAL C 111 39.64 -8.79 -4.17
C VAL C 111 40.44 -9.96 -4.71
N THR C 112 41.77 -9.81 -4.75
CA THR C 112 42.67 -10.86 -5.21
C THR C 112 43.20 -11.62 -4.00
N SER C 113 42.74 -12.84 -3.81
CA SER C 113 43.18 -13.70 -2.70
C SER C 113 43.75 -14.98 -3.28
N GLN C 114 45.01 -15.28 -2.93
CA GLN C 114 45.69 -16.51 -3.36
C GLN C 114 45.66 -16.64 -4.88
N GLY C 115 45.82 -15.52 -5.58
CA GLY C 115 45.83 -15.53 -7.03
C GLY C 115 44.47 -15.66 -7.68
N VAL C 116 43.38 -15.61 -6.91
CA VAL C 116 42.03 -15.73 -7.44
C VAL C 116 41.31 -14.42 -7.21
N ASP C 117 40.70 -13.89 -8.27
CA ASP C 117 39.98 -12.62 -8.22
C ASP C 117 38.51 -12.90 -7.92
N TYR C 118 38.08 -12.58 -6.70
CA TYR C 118 36.68 -12.71 -6.33
C TYR C 118 35.99 -11.37 -6.51
N LEU C 119 34.90 -11.35 -7.28
CA LEU C 119 34.18 -10.14 -7.59
C LEU C 119 32.76 -10.21 -7.05
N ALA C 120 32.27 -9.09 -6.54
CA ALA C 120 30.90 -9.00 -6.03
C ALA C 120 30.24 -7.76 -6.63
N HIS C 121 29.14 -7.98 -7.34
CA HIS C 121 28.39 -6.90 -7.99
C HIS C 121 27.15 -6.60 -7.16
N THR C 122 26.92 -5.32 -6.85
CA THR C 122 25.79 -4.96 -6.00
C THR C 122 24.54 -4.54 -6.76
N ARG C 123 24.63 -3.46 -7.53
CA ARG C 123 23.46 -2.77 -8.11
C ARG C 123 22.59 -2.21 -6.99
N ARG C 124 21.78 -1.19 -7.26
CA ARG C 124 21.02 -0.57 -6.18
C ARG C 124 20.04 -1.56 -5.56
N CYS C 125 19.00 -1.93 -6.31
CA CYS C 125 18.13 -3.06 -5.99
C CYS C 125 17.25 -3.35 -7.19
N PRO C 126 17.83 -3.73 -8.34
CA PRO C 126 17.08 -3.79 -9.60
C PRO C 126 15.84 -2.91 -9.72
N ASP C 127 15.93 -1.69 -9.20
CA ASP C 127 14.88 -0.65 -9.20
C ASP C 127 13.53 -1.28 -8.83
N HIS C 128 12.45 -0.79 -9.45
CA HIS C 128 11.10 -1.22 -9.13
C HIS C 128 10.31 -1.42 -10.42
N GLU C 129 8.97 -1.49 -10.32
CA GLU C 129 8.12 -1.69 -11.47
C GLU C 129 8.39 -0.63 -12.52
N PRO C 130 9.01 -0.97 -13.65
CA PRO C 130 9.36 0.04 -14.65
C PRO C 130 8.30 0.19 -15.73
N ARG C 131 8.03 1.45 -16.11
CA ARG C 131 7.01 1.78 -17.09
C ARG C 131 5.67 1.14 -16.74
N GLY C 132 5.32 1.20 -15.45
CA GLY C 132 4.15 0.49 -14.97
C GLY C 132 4.49 -0.96 -14.74
N VAL C 133 3.61 -1.85 -15.17
CA VAL C 133 3.82 -3.31 -15.10
C VAL C 133 4.03 -3.73 -13.65
N ILE C 134 2.94 -3.90 -12.91
CA ILE C 134 3.00 -4.38 -11.54
C ILE C 134 3.02 -5.91 -11.55
N THR C 135 3.94 -6.51 -10.81
CA THR C 135 4.15 -7.94 -10.79
C THR C 135 3.64 -8.52 -9.48
N TYR C 136 2.80 -9.55 -9.57
CA TYR C 136 2.26 -10.25 -8.42
C TYR C 136 2.52 -11.74 -8.59
N LEU C 137 3.26 -12.34 -7.66
CA LEU C 137 3.62 -13.75 -7.70
C LEU C 137 2.83 -14.46 -6.62
N ILE C 138 1.71 -15.07 -7.00
CA ILE C 138 0.75 -15.62 -6.05
C ILE C 138 1.19 -17.04 -5.69
N PRO C 139 1.38 -17.35 -4.41
CA PRO C 139 1.74 -18.71 -4.02
C PRO C 139 0.58 -19.67 -4.25
N PRO C 140 0.86 -20.97 -4.36
CA PRO C 140 -0.23 -21.93 -4.60
C PRO C 140 -1.23 -21.95 -3.46
N SER C 141 -2.48 -22.21 -3.80
CA SER C 141 -3.53 -22.29 -2.79
C SER C 141 -3.27 -23.48 -1.87
N PRO C 142 -3.43 -23.30 -0.56
CA PRO C 142 -3.12 -24.38 0.38
C PRO C 142 -4.22 -25.43 0.46
N LEU C 143 -4.72 -25.86 -0.70
CA LEU C 143 -5.75 -26.89 -0.77
C LEU C 143 -5.49 -27.94 -1.83
N ASP C 144 -4.74 -27.64 -2.88
CA ASP C 144 -4.45 -28.58 -3.95
C ASP C 144 -3.09 -29.25 -3.80
N LEU C 145 -2.35 -28.95 -2.74
CA LEU C 145 -1.05 -29.59 -2.54
C LEU C 145 -1.21 -30.96 -1.90
N TYR C 146 -1.79 -31.02 -0.70
CA TYR C 146 -1.98 -32.27 0.02
C TYR C 146 -3.44 -32.69 -0.02
N GLN C 147 -3.88 -33.09 -1.22
CA GLN C 147 -5.25 -33.53 -1.45
C GLN C 147 -5.39 -34.07 -2.87
N ASN C 148 -6.09 -33.32 -3.73
CA ASN C 148 -6.13 -33.64 -5.14
C ASN C 148 -4.85 -33.15 -5.82
N GLY C 149 -4.61 -33.66 -7.02
CA GLY C 149 -3.40 -33.30 -7.72
C GLY C 149 -3.55 -32.14 -8.69
N ALA C 150 -3.27 -30.93 -8.22
CA ALA C 150 -3.27 -29.75 -9.08
C ALA C 150 -2.46 -28.62 -8.46
N PRO C 151 -1.15 -28.78 -8.25
CA PRO C 151 -0.35 -27.70 -7.69
C PRO C 151 0.26 -26.81 -8.77
N LYS C 152 0.07 -25.49 -8.65
CA LYS C 152 0.57 -24.57 -9.67
C LYS C 152 0.97 -23.26 -9.02
N LEU C 153 1.90 -22.56 -9.66
CA LEU C 153 2.35 -21.24 -9.26
C LEU C 153 2.06 -20.25 -10.37
N THR C 154 1.50 -19.10 -10.00
CA THR C 154 1.04 -18.11 -10.98
C THR C 154 1.75 -16.78 -10.78
N CYS C 155 2.13 -16.17 -11.91
CA CYS C 155 2.78 -14.87 -11.95
C CYS C 155 1.98 -13.97 -12.88
N LEU C 156 1.53 -12.83 -12.36
CA LEU C 156 0.67 -11.91 -13.10
C LEU C 156 1.35 -10.56 -13.24
N VAL C 157 1.42 -10.06 -14.46
CA VAL C 157 1.97 -8.73 -14.74
C VAL C 157 0.84 -7.88 -15.31
N VAL C 158 0.57 -6.75 -14.67
CA VAL C 158 -0.50 -5.85 -15.07
C VAL C 158 0.11 -4.50 -15.44
N ASP C 159 -0.74 -3.62 -15.96
CA ASP C 159 -0.35 -2.27 -16.38
C ASP C 159 0.74 -2.32 -17.44
N LEU C 160 0.47 -3.07 -18.51
CA LEU C 160 1.38 -3.16 -19.65
C LEU C 160 0.83 -2.33 -20.81
N GLU C 161 1.67 -1.47 -21.38
CA GLU C 161 1.25 -0.69 -22.53
C GLU C 161 0.95 -1.59 -23.73
N SER C 162 1.79 -2.59 -23.97
CA SER C 162 1.57 -3.53 -25.05
C SER C 162 2.19 -4.87 -24.69
N GLU C 163 1.70 -5.92 -25.34
CA GLU C 163 2.19 -7.28 -25.13
C GLU C 163 3.25 -7.69 -26.15
N LYS C 164 3.65 -6.79 -27.04
CA LYS C 164 4.58 -7.14 -28.10
C LYS C 164 5.99 -7.26 -27.55
N ASN C 165 6.65 -8.39 -27.86
CA ASN C 165 8.04 -8.64 -27.47
C ASN C 165 8.24 -8.62 -25.96
N VAL C 166 7.22 -9.02 -25.21
CA VAL C 166 7.29 -9.13 -23.76
C VAL C 166 7.23 -10.62 -23.43
N ASN C 167 8.22 -11.11 -22.69
CA ASN C 167 8.29 -12.54 -22.41
C ASN C 167 8.54 -12.79 -20.92
N VAL C 168 7.90 -13.83 -20.40
CA VAL C 168 7.99 -14.22 -19.01
C VAL C 168 8.53 -15.64 -18.92
N THR C 169 9.58 -15.83 -18.14
CA THR C 169 10.18 -17.12 -17.90
C THR C 169 9.97 -17.54 -16.44
N TRP C 170 10.04 -18.84 -16.21
CA TRP C 170 9.67 -19.48 -14.95
C TRP C 170 10.82 -20.32 -14.42
N ASN C 171 12.00 -19.70 -14.32
CA ASN C 171 13.23 -20.42 -13.98
C ASN C 171 13.06 -21.20 -12.67
N GLN C 172 13.15 -22.52 -12.77
CA GLN C 172 12.98 -23.40 -11.62
C GLN C 172 14.31 -23.50 -10.88
N GLU C 173 14.39 -22.85 -9.72
CA GLU C 173 15.64 -22.81 -8.97
C GLU C 173 15.93 -24.15 -8.32
N LYS C 174 17.14 -24.66 -8.53
CA LYS C 174 17.65 -25.85 -7.86
C LYS C 174 16.87 -27.11 -8.22
N LYS C 175 15.91 -27.00 -9.12
CA LYS C 175 15.10 -28.17 -9.50
C LYS C 175 15.05 -28.40 -11.01
N THR C 176 14.98 -27.33 -11.80
CA THR C 176 14.97 -27.41 -13.27
C THR C 176 13.76 -28.17 -13.79
N SER C 177 13.71 -29.48 -13.53
CA SER C 177 12.61 -30.34 -13.94
C SER C 177 12.35 -30.27 -15.44
N VAL C 178 11.15 -30.67 -15.85
CA VAL C 178 10.78 -30.67 -17.26
C VAL C 178 9.44 -29.99 -17.52
N SER C 179 8.72 -29.57 -16.47
CA SER C 179 7.42 -28.95 -16.64
C SER C 179 7.54 -27.62 -17.37
N ALA C 180 6.54 -27.32 -18.19
CA ALA C 180 6.49 -26.11 -18.99
C ALA C 180 5.35 -25.22 -18.53
N SER C 181 5.55 -23.91 -18.63
CA SER C 181 4.57 -22.93 -18.20
C SER C 181 3.65 -22.56 -19.35
N GLN C 182 2.51 -21.95 -19.00
CA GLN C 182 1.55 -21.47 -19.99
C GLN C 182 1.11 -20.07 -19.59
N TRP C 183 1.22 -19.13 -20.52
CA TRP C 183 0.90 -17.73 -20.27
C TRP C 183 -0.21 -17.26 -21.20
N TYR C 184 -1.16 -16.52 -20.65
CA TYR C 184 -2.28 -15.99 -21.42
C TYR C 184 -2.49 -14.52 -21.11
N THR C 185 -3.01 -13.80 -22.08
CA THR C 185 -3.23 -12.35 -21.99
C THR C 185 -4.71 -12.04 -21.76
N LYS C 186 -4.96 -10.86 -21.22
CA LYS C 186 -6.31 -10.39 -20.95
C LYS C 186 -6.35 -8.88 -21.04
N HIS C 187 -7.44 -8.35 -21.57
CA HIS C 187 -7.65 -6.92 -21.71
C HIS C 187 -8.65 -6.43 -20.67
N HIS C 188 -8.60 -5.12 -20.40
CA HIS C 188 -9.48 -4.52 -19.41
C HIS C 188 -10.19 -3.30 -19.98
N ASN C 189 -10.90 -2.56 -19.12
CA ASN C 189 -11.62 -1.37 -19.54
C ASN C 189 -10.79 -0.10 -19.43
N ASN C 190 -9.52 -0.20 -18.98
CA ASN C 190 -8.64 0.94 -18.88
C ASN C 190 -7.48 0.87 -19.88
N ALA C 191 -7.68 0.15 -20.99
CA ALA C 191 -6.66 0.01 -22.04
C ALA C 191 -5.35 -0.54 -21.49
N THR C 192 -5.46 -1.51 -20.60
CA THR C 192 -4.30 -2.17 -20.00
C THR C 192 -4.34 -3.66 -20.29
N THR C 193 -3.16 -4.25 -20.47
CA THR C 193 -3.02 -5.67 -20.78
C THR C 193 -2.38 -6.38 -19.60
N SER C 194 -3.02 -7.45 -19.14
CA SER C 194 -2.52 -8.25 -18.03
C SER C 194 -2.17 -9.65 -18.54
N ILE C 195 -0.95 -10.10 -18.23
CA ILE C 195 -0.46 -11.40 -18.65
C ILE C 195 -0.29 -12.28 -17.41
N THR C 196 -0.93 -13.45 -17.44
CA THR C 196 -0.86 -14.41 -16.34
C THR C 196 -0.19 -15.68 -16.84
N SER C 197 0.87 -16.09 -16.15
CA SER C 197 1.61 -17.30 -16.48
C SER C 197 1.52 -18.28 -15.33
N ILE C 198 1.11 -19.51 -15.63
CA ILE C 198 0.93 -20.57 -14.64
C ILE C 198 1.90 -21.70 -14.96
N LEU C 199 2.59 -22.18 -13.93
CA LEU C 199 3.54 -23.28 -14.06
C LEU C 199 3.16 -24.36 -13.04
N PRO C 200 2.88 -25.59 -13.47
CA PRO C 200 2.65 -26.66 -12.51
C PRO C 200 3.90 -26.92 -11.67
N VAL C 201 3.67 -27.26 -10.40
CA VAL C 201 4.75 -27.53 -9.45
C VAL C 201 4.49 -28.88 -8.79
N VAL C 202 5.36 -29.24 -7.87
CA VAL C 202 5.28 -30.51 -7.14
C VAL C 202 5.22 -30.21 -5.64
N ALA C 203 4.32 -30.88 -4.94
CA ALA C 203 4.19 -30.68 -3.51
C ALA C 203 5.46 -31.08 -2.77
N LYS C 204 6.11 -32.16 -3.21
CA LYS C 204 7.37 -32.57 -2.61
C LYS C 204 8.45 -31.51 -2.81
N ASP C 205 8.51 -30.92 -4.01
CA ASP C 205 9.47 -29.86 -4.26
C ASP C 205 9.20 -28.65 -3.37
N TRP C 206 7.92 -28.30 -3.20
CA TRP C 206 7.57 -27.15 -2.36
C TRP C 206 7.94 -27.42 -0.90
N ILE C 207 7.67 -28.63 -0.41
CA ILE C 207 7.97 -28.93 0.99
C ILE C 207 9.47 -29.14 1.23
N GLU C 208 10.23 -29.46 0.19
CA GLU C 208 11.68 -29.60 0.32
C GLU C 208 12.41 -28.27 0.38
N GLY C 209 11.72 -27.16 0.10
CA GLY C 209 12.32 -25.84 0.15
C GLY C 209 12.74 -25.27 -1.18
N TYR C 210 12.42 -25.92 -2.29
CA TYR C 210 12.77 -25.40 -3.61
C TYR C 210 11.93 -24.16 -3.93
N GLY C 211 12.49 -23.28 -4.76
CA GLY C 211 11.81 -22.06 -5.14
C GLY C 211 11.81 -21.90 -6.66
N TYR C 212 11.10 -20.87 -7.10
CA TYR C 212 10.96 -20.55 -8.52
C TYR C 212 11.22 -19.06 -8.71
N GLN C 213 11.48 -18.68 -9.97
CA GLN C 213 11.80 -17.30 -10.30
C GLN C 213 11.03 -16.89 -11.54
N CYS C 214 10.09 -15.97 -11.38
CA CYS C 214 9.36 -15.38 -12.49
C CYS C 214 10.15 -14.17 -12.99
N ILE C 215 10.61 -14.24 -14.24
CA ILE C 215 11.44 -13.19 -14.83
C ILE C 215 10.67 -12.61 -16.02
N VAL C 216 10.41 -11.31 -15.97
CA VAL C 216 9.65 -10.61 -17.01
C VAL C 216 10.59 -9.67 -17.74
N ASP C 217 10.59 -9.75 -19.07
CA ASP C 217 11.42 -8.90 -19.91
C ASP C 217 10.54 -8.17 -20.91
N HIS C 218 10.74 -6.86 -21.02
CA HIS C 218 9.99 -5.93 -21.84
C HIS C 218 10.97 -5.08 -22.64
N PRO C 219 10.59 -4.68 -23.86
CA PRO C 219 11.53 -3.89 -24.68
C PRO C 219 11.92 -2.55 -24.08
N ASP C 220 11.10 -1.97 -23.21
CA ASP C 220 11.40 -0.64 -22.68
C ASP C 220 12.63 -0.68 -21.79
N PHE C 221 12.58 -1.45 -20.70
CA PHE C 221 13.70 -1.52 -19.77
C PHE C 221 14.58 -2.72 -20.11
N PRO C 222 15.85 -2.53 -20.44
CA PRO C 222 16.70 -3.68 -20.79
C PRO C 222 16.87 -4.70 -19.67
N LYS C 223 16.88 -4.25 -18.42
CA LYS C 223 17.08 -5.17 -17.30
C LYS C 223 15.78 -5.86 -16.94
N PRO C 224 15.68 -7.18 -17.06
CA PRO C 224 14.43 -7.86 -16.72
C PRO C 224 14.15 -7.80 -15.23
N ILE C 225 12.86 -7.83 -14.88
CA ILE C 225 12.44 -7.79 -13.49
C ILE C 225 12.25 -9.22 -13.00
N VAL C 226 12.86 -9.54 -11.87
CA VAL C 226 12.87 -10.89 -11.33
C VAL C 226 12.13 -10.92 -10.00
N ARG C 227 11.30 -11.93 -9.81
CA ARG C 227 10.58 -12.16 -8.56
C ARG C 227 10.72 -13.62 -8.18
N SER C 228 11.35 -13.89 -7.03
CA SER C 228 11.63 -15.24 -6.59
C SER C 228 10.70 -15.62 -5.45
N ILE C 229 10.09 -16.80 -5.55
CA ILE C 229 9.15 -17.30 -4.56
C ILE C 229 9.68 -18.59 -3.97
N THR C 230 9.65 -18.69 -2.65
CA THR C 230 10.00 -19.90 -1.92
C THR C 230 8.94 -20.15 -0.84
N LYS C 231 9.14 -21.21 -0.06
CA LYS C 231 8.23 -21.48 1.05
C LYS C 231 8.39 -20.42 2.13
N THR C 232 7.31 -20.19 2.86
CA THR C 232 7.31 -19.16 3.89
C THR C 232 8.23 -19.59 5.04
N PRO C 233 9.23 -18.78 5.39
CA PRO C 233 10.13 -19.17 6.49
C PRO C 233 9.42 -19.16 7.83
N GLY C 234 9.92 -20.00 8.74
CA GLY C 234 9.37 -20.11 10.08
C GLY C 234 9.19 -21.56 10.50
N GLN C 235 8.95 -21.73 11.79
CA GLN C 235 8.75 -23.05 12.37
C GLN C 235 7.28 -23.44 12.21
N ARG C 236 7.02 -24.48 11.42
CA ARG C 236 5.65 -24.93 11.21
C ARG C 236 5.09 -25.56 12.48
N SER C 237 3.80 -25.32 12.72
CA SER C 237 3.11 -25.82 13.89
C SER C 237 1.79 -26.45 13.49
N ALA C 238 1.36 -27.44 14.26
CA ALA C 238 0.11 -28.14 13.98
C ALA C 238 -1.07 -27.30 14.46
N PRO C 239 -2.01 -26.94 13.58
CA PRO C 239 -3.17 -26.16 14.02
C PRO C 239 -4.07 -26.93 14.94
N GLU C 240 -4.76 -26.21 15.82
CA GLU C 240 -5.76 -26.75 16.72
C GLU C 240 -7.14 -26.32 16.23
N VAL C 241 -8.02 -27.28 15.98
CA VAL C 241 -9.31 -27.04 15.35
C VAL C 241 -10.41 -27.47 16.32
N TYR C 242 -11.39 -26.60 16.52
CA TYR C 242 -12.50 -26.88 17.42
C TYR C 242 -13.80 -26.40 16.81
N VAL C 243 -14.84 -27.22 16.90
CA VAL C 243 -16.16 -26.91 16.36
C VAL C 243 -17.11 -26.65 17.52
N PHE C 244 -17.82 -25.51 17.45
CA PHE C 244 -18.72 -25.17 18.54
C PHE C 244 -20.16 -25.49 18.16
N PRO C 245 -20.97 -25.96 19.11
CA PRO C 245 -22.38 -26.23 18.83
C PRO C 245 -23.15 -24.94 18.62
N PRO C 246 -24.26 -24.99 17.89
CA PRO C 246 -25.05 -23.77 17.64
C PRO C 246 -25.55 -23.18 18.95
N PRO C 247 -25.53 -21.85 19.08
CA PRO C 247 -26.00 -21.20 20.30
C PRO C 247 -27.45 -20.74 20.26
N GLU C 248 -28.13 -20.86 19.12
CA GLU C 248 -29.49 -20.35 19.01
C GLU C 248 -30.45 -21.20 19.84
N GLU C 249 -31.25 -20.52 20.67
CA GLU C 249 -31.98 -21.18 21.75
C GLU C 249 -33.01 -22.19 21.29
N GLU C 250 -34.07 -21.75 20.59
CA GLU C 250 -35.19 -22.64 20.33
C GLU C 250 -35.50 -22.84 18.85
N SER C 251 -35.89 -21.77 18.14
CA SER C 251 -36.51 -21.95 16.83
C SER C 251 -35.98 -20.92 15.84
N GLU C 252 -34.72 -20.51 16.00
CA GLU C 252 -34.12 -19.59 15.04
C GLU C 252 -33.93 -20.29 13.71
N ASP C 253 -34.37 -19.63 12.63
CA ASP C 253 -34.49 -20.29 11.34
C ASP C 253 -33.13 -20.58 10.71
N LYS C 254 -32.13 -19.75 10.98
CA LYS C 254 -30.82 -19.87 10.33
C LYS C 254 -29.80 -20.34 11.36
N ARG C 255 -29.62 -21.66 11.45
CA ARG C 255 -28.66 -22.23 12.37
C ARG C 255 -27.23 -21.90 11.92
N THR C 256 -26.37 -21.69 12.91
CA THR C 256 -25.00 -21.24 12.68
C THR C 256 -24.03 -22.22 13.32
N LEU C 257 -22.99 -22.59 12.57
CA LEU C 257 -21.92 -23.45 13.06
C LEU C 257 -20.59 -22.71 12.93
N THR C 258 -19.78 -22.80 13.98
CA THR C 258 -18.50 -22.11 14.05
C THR C 258 -17.37 -23.13 14.15
N CYS C 259 -16.34 -22.95 13.33
CA CYS C 259 -15.14 -23.80 13.35
C CYS C 259 -13.93 -22.88 13.52
N LEU C 260 -13.27 -22.98 14.66
CA LEU C 260 -12.15 -22.11 15.00
C LEU C 260 -10.84 -22.88 14.87
N ILE C 261 -9.87 -22.26 14.20
CA ILE C 261 -8.54 -22.82 14.03
C ILE C 261 -7.54 -21.86 14.63
N GLN C 262 -6.68 -22.37 15.52
CA GLN C 262 -5.74 -21.54 16.25
C GLN C 262 -4.34 -22.16 16.19
N ASN C 263 -3.34 -21.29 16.30
CA ASN C 263 -1.93 -21.69 16.35
C ASN C 263 -1.53 -22.51 15.12
N PHE C 264 -1.66 -21.88 13.96
CA PHE C 264 -1.22 -22.46 12.70
C PHE C 264 -0.21 -21.53 12.05
N PHE C 265 0.90 -22.11 11.57
CA PHE C 265 1.95 -21.37 10.92
C PHE C 265 2.58 -22.28 9.88
N PRO C 266 2.85 -21.78 8.67
CA PRO C 266 2.65 -20.40 8.19
C PRO C 266 1.22 -20.08 7.78
N GLU C 267 1.05 -19.04 6.96
CA GLU C 267 -0.29 -18.60 6.55
C GLU C 267 -1.02 -19.64 5.71
N ASP C 268 -0.31 -20.60 5.13
CA ASP C 268 -0.92 -21.56 4.22
C ASP C 268 -1.79 -22.53 5.00
N ILE C 269 -3.11 -22.44 4.79
CA ILE C 269 -4.08 -23.30 5.46
C ILE C 269 -5.40 -23.19 4.71
N SER C 270 -6.19 -24.26 4.73
CA SER C 270 -7.49 -24.25 4.10
C SER C 270 -8.53 -24.91 5.00
N VAL C 271 -9.77 -24.42 4.93
CA VAL C 271 -10.87 -24.89 5.76
C VAL C 271 -12.06 -25.19 4.86
N GLN C 272 -12.68 -26.36 5.07
CA GLN C 272 -13.86 -26.76 4.32
C GLN C 272 -14.78 -27.55 5.24
N TRP C 273 -15.92 -27.99 4.70
CA TRP C 273 -16.88 -28.82 5.41
C TRP C 273 -17.28 -29.99 4.52
N LEU C 274 -17.61 -31.11 5.16
CA LEU C 274 -18.00 -32.32 4.44
C LEU C 274 -19.28 -32.91 5.02
N GLY C 275 -20.28 -32.06 5.23
CA GLY C 275 -21.56 -32.49 5.77
C GLY C 275 -22.30 -33.48 4.90
N ASP C 276 -22.38 -34.72 5.37
CA ASP C 276 -23.11 -35.80 4.68
C ASP C 276 -22.57 -36.03 3.26
N GLY C 277 -21.30 -36.43 3.20
CA GLY C 277 -20.71 -36.83 1.94
C GLY C 277 -20.11 -35.68 1.14
N LYS C 278 -20.88 -35.17 0.18
CA LYS C 278 -20.39 -34.09 -0.67
C LYS C 278 -20.06 -32.86 0.15
N LEU C 279 -18.97 -32.19 -0.23
CA LEU C 279 -18.52 -31.02 0.50
C LEU C 279 -19.52 -29.87 0.36
N ILE C 280 -19.67 -29.11 1.46
CA ILE C 280 -20.59 -27.98 1.45
C ILE C 280 -20.05 -26.89 0.54
N SER C 281 -20.92 -26.32 -0.29
CA SER C 281 -20.51 -25.28 -1.21
C SER C 281 -20.06 -24.04 -0.45
N ASN C 282 -19.12 -23.30 -1.04
CA ASN C 282 -18.57 -22.11 -0.40
C ASN C 282 -19.58 -20.97 -0.31
N SER C 283 -20.70 -21.05 -1.03
CA SER C 283 -21.71 -20.00 -0.95
C SER C 283 -22.32 -19.92 0.45
N GLN C 284 -22.66 -21.07 1.03
CA GLN C 284 -23.20 -21.12 2.40
C GLN C 284 -22.10 -21.34 3.43
N HIS C 285 -21.05 -20.53 3.35
CA HIS C 285 -19.90 -20.64 4.25
C HIS C 285 -19.03 -19.41 4.06
N SER C 286 -18.37 -18.98 5.14
CA SER C 286 -17.47 -17.86 5.07
C SER C 286 -16.32 -18.08 6.04
N THR C 287 -15.18 -17.44 5.75
CA THR C 287 -13.99 -17.54 6.57
C THR C 287 -13.46 -16.14 6.85
N THR C 288 -13.22 -15.85 8.12
CA THR C 288 -12.70 -14.55 8.50
C THR C 288 -11.24 -14.40 8.08
N THR C 289 -10.81 -13.15 7.93
CA THR C 289 -9.43 -12.88 7.56
C THR C 289 -8.50 -13.29 8.68
N PRO C 290 -7.32 -13.84 8.37
CA PRO C 290 -6.39 -14.25 9.44
C PRO C 290 -5.80 -13.04 10.15
N LEU C 291 -5.81 -13.09 11.47
CA LEU C 291 -5.23 -12.06 12.32
C LEU C 291 -4.17 -12.67 13.21
N LYS C 292 -3.11 -11.92 13.48
CA LYS C 292 -2.02 -12.42 14.31
C LYS C 292 -2.47 -12.52 15.76
N SER C 293 -2.25 -13.68 16.36
CA SER C 293 -2.62 -13.92 17.75
C SER C 293 -1.63 -13.22 18.68
N ASN C 294 -2.15 -12.48 19.66
CA ASN C 294 -1.31 -11.77 20.60
C ASN C 294 -0.82 -12.74 21.67
N GLY C 295 0.50 -12.77 21.88
CA GLY C 295 1.07 -13.67 22.86
C GLY C 295 1.02 -15.12 22.40
N SER C 296 1.06 -16.02 23.40
CA SER C 296 1.02 -17.45 23.18
C SER C 296 2.12 -17.91 22.24
N ASN C 297 1.77 -18.16 20.98
CA ASN C 297 2.69 -18.65 19.98
C ASN C 297 2.75 -17.65 18.81
N GLN C 298 3.48 -18.03 17.76
CA GLN C 298 3.64 -17.19 16.58
C GLN C 298 2.59 -17.45 15.52
N GLY C 299 1.63 -18.36 15.77
CA GLY C 299 0.62 -18.69 14.80
C GLY C 299 -0.50 -17.67 14.75
N PHE C 300 -1.44 -17.91 13.85
CA PHE C 300 -2.61 -17.08 13.63
C PHE C 300 -3.86 -17.79 14.13
N PHE C 301 -4.99 -17.10 14.04
CA PHE C 301 -6.28 -17.67 14.41
C PHE C 301 -7.32 -17.24 13.39
N ILE C 302 -8.17 -18.19 12.98
CA ILE C 302 -9.24 -17.93 12.03
C ILE C 302 -10.53 -18.57 12.51
N PHE C 303 -11.65 -17.98 12.10
CA PHE C 303 -12.98 -18.49 12.38
C PHE C 303 -13.70 -18.70 11.07
N SER C 304 -14.36 -19.84 10.92
CA SER C 304 -15.19 -20.14 9.75
C SER C 304 -16.63 -20.33 10.22
N ARG C 305 -17.54 -19.63 9.56
CA ARG C 305 -18.95 -19.63 9.93
C ARG C 305 -19.77 -20.23 8.80
N LEU C 306 -20.63 -21.19 9.15
CA LEU C 306 -21.51 -21.85 8.19
C LEU C 306 -22.95 -21.68 8.68
N GLU C 307 -23.75 -20.95 7.89
CA GLU C 307 -25.13 -20.66 8.26
C GLU C 307 -26.07 -21.36 7.28
N VAL C 308 -26.99 -22.16 7.82
CA VAL C 308 -27.90 -22.94 7.00
C VAL C 308 -29.31 -22.84 7.59
N ALA C 309 -30.31 -22.81 6.71
CA ALA C 309 -31.69 -22.73 7.16
C ALA C 309 -32.06 -23.97 7.97
N LYS C 310 -33.12 -23.82 8.79
CA LYS C 310 -33.53 -24.88 9.69
C LYS C 310 -34.35 -25.94 8.94
N THR C 311 -33.79 -26.47 7.85
CA THR C 311 -34.42 -27.57 7.13
C THR C 311 -33.42 -28.69 6.93
N LEU C 312 -32.13 -28.34 6.82
CA LEU C 312 -31.07 -29.32 6.72
C LEU C 312 -30.53 -29.76 8.08
N TRP C 313 -30.86 -29.05 9.16
CA TRP C 313 -30.39 -29.44 10.48
C TRP C 313 -31.01 -30.76 10.92
N THR C 314 -32.27 -31.00 10.58
CA THR C 314 -32.94 -32.25 10.89
C THR C 314 -32.65 -33.34 9.87
N GLN C 315 -31.91 -33.02 8.82
CA GLN C 315 -31.54 -34.00 7.78
C GLN C 315 -30.05 -34.32 7.77
N ARG C 316 -29.19 -33.31 7.76
CA ARG C 316 -27.75 -33.54 7.80
C ARG C 316 -27.34 -34.07 9.17
N LYS C 317 -26.38 -34.99 9.17
CA LYS C 317 -25.99 -35.65 10.41
C LYS C 317 -24.48 -35.59 10.64
N GLN C 318 -23.71 -35.53 9.55
CA GLN C 318 -22.25 -35.60 9.69
C GLN C 318 -21.69 -34.30 10.26
N PHE C 319 -21.82 -33.20 9.52
CA PHE C 319 -21.35 -31.88 9.96
C PHE C 319 -19.92 -31.93 10.49
N THR C 320 -19.01 -32.21 9.55
CA THR C 320 -17.58 -32.31 9.86
C THR C 320 -16.84 -31.15 9.22
N CYS C 321 -16.12 -30.39 10.05
CA CYS C 321 -15.24 -29.33 9.61
C CYS C 321 -13.84 -29.91 9.38
N GLN C 322 -13.32 -29.75 8.17
CA GLN C 322 -12.02 -30.27 7.78
C GLN C 322 -11.04 -29.13 7.58
N VAL C 323 -9.82 -29.31 8.07
CA VAL C 323 -8.76 -28.32 7.94
C VAL C 323 -7.54 -29.00 7.33
N ILE C 324 -7.00 -28.40 6.28
CA ILE C 324 -5.82 -28.90 5.60
C ILE C 324 -4.68 -27.93 5.84
N HIS C 325 -3.58 -28.43 6.41
CA HIS C 325 -2.39 -27.65 6.69
C HIS C 325 -1.18 -28.51 6.35
N GLU C 326 -0.05 -27.85 6.07
CA GLU C 326 1.14 -28.55 5.63
C GLU C 326 1.96 -29.14 6.77
N ALA C 327 1.51 -28.98 8.02
CA ALA C 327 2.25 -29.50 9.18
C ALA C 327 1.39 -30.31 10.13
N LEU C 328 0.14 -30.63 9.74
CA LEU C 328 -0.75 -31.40 10.60
C LEU C 328 -0.21 -32.80 10.87
N GLN C 329 -0.12 -33.61 9.83
CA GLN C 329 0.33 -35.00 9.93
C GLN C 329 0.59 -35.49 8.50
N LYS C 330 0.83 -36.80 8.35
CA LYS C 330 1.02 -37.37 7.02
C LYS C 330 -0.20 -37.17 6.12
N PRO C 331 -1.44 -37.39 6.55
CA PRO C 331 -2.58 -37.06 5.68
C PRO C 331 -2.79 -35.56 5.48
N ARG C 332 -2.19 -34.72 6.33
CA ARG C 332 -2.38 -33.27 6.27
C ARG C 332 -3.86 -32.89 6.36
N LYS C 333 -4.61 -33.62 7.19
CA LYS C 333 -6.03 -33.38 7.35
C LYS C 333 -6.41 -33.50 8.82
N LEU C 334 -7.22 -32.57 9.30
CA LEU C 334 -7.77 -32.63 10.65
C LEU C 334 -9.27 -32.39 10.57
N GLU C 335 -10.06 -33.37 10.99
CA GLU C 335 -11.51 -33.34 10.88
C GLU C 335 -12.14 -33.34 12.25
N LYS C 336 -13.06 -32.42 12.49
CA LYS C 336 -13.82 -32.34 13.73
C LYS C 336 -15.30 -32.45 13.40
N THR C 337 -15.97 -33.44 13.99
CA THR C 337 -17.35 -33.78 13.66
C THR C 337 -18.28 -33.36 14.79
N ILE C 338 -19.37 -32.66 14.45
CA ILE C 338 -20.40 -32.29 15.40
C ILE C 338 -21.70 -32.94 14.97
N SER C 339 -22.43 -33.52 15.93
CA SER C 339 -23.66 -34.25 15.67
C SER C 339 -24.86 -33.45 16.14
N THR C 340 -25.95 -33.53 15.36
CA THR C 340 -27.18 -32.82 15.69
C THR C 340 -28.02 -33.54 16.75
N SER C 341 -27.71 -34.79 17.06
CA SER C 341 -28.47 -35.57 18.03
C SER C 341 -27.88 -35.39 19.44
N LEU C 342 -27.82 -34.12 19.86
CA LEU C 342 -27.30 -33.79 21.19
C LEU C 342 -28.29 -32.95 21.96
N GLY C 343 -27.89 -32.46 23.13
CA GLY C 343 -28.76 -31.64 23.96
C GLY C 343 -29.79 -32.45 24.71
C1 NAG D . 5.63 8.61 7.27
C2 NAG D . 4.74 8.07 6.14
C3 NAG D . 3.27 8.34 6.48
C4 NAG D . 2.92 7.81 7.86
C5 NAG D . 3.94 8.35 8.88
C6 NAG D . 3.73 7.84 10.29
C7 NAG D . 5.59 7.99 3.83
C8 NAG D . 5.88 8.82 2.60
N2 NAG D . 5.09 8.67 4.87
O3 NAG D . 2.49 7.75 5.48
O4 NAG D . 1.62 8.24 8.15
O5 NAG D . 5.25 8.00 8.48
O6 NAG D . 3.74 6.43 10.31
O7 NAG D . 5.79 6.78 3.84
C1 NAG D . 0.75 7.11 8.31
C2 NAG D . -0.37 7.49 9.29
C3 NAG D . -1.37 6.35 9.41
C4 NAG D . -1.85 5.89 8.04
C5 NAG D . -0.64 5.58 7.17
C6 NAG D . -0.98 5.12 5.76
C7 NAG D . 0.15 9.05 11.12
C8 NAG D . 0.79 9.16 12.49
N2 NAG D . 0.18 7.83 10.57
O3 NAG D . -2.44 6.79 10.21
O4 NAG D . -2.67 4.75 8.24
O5 NAG D . 0.18 6.73 7.07
O6 NAG D . -1.75 6.10 5.12
O7 NAG D . -0.34 10.03 10.57
C1 BMA D . -4.01 5.04 7.78
C2 BMA D . -4.54 3.79 7.10
C3 BMA D . -5.95 4.07 6.51
C4 BMA D . -6.75 5.15 7.26
C5 BMA D . -6.26 5.44 8.69
C6 BMA D . -6.94 4.55 9.71
O2 BMA D . -4.52 2.73 8.02
O3 BMA D . -6.61 2.83 6.46
O4 BMA D . -6.66 6.32 6.45
O5 BMA D . -4.86 5.39 8.86
O6 BMA D . -6.04 4.32 10.78
C1 MAN D . -7.22 2.70 5.16
C2 MAN D . -8.31 1.63 5.25
C3 MAN D . -7.68 0.26 5.48
C4 MAN D . -6.63 -0.03 4.42
C5 MAN D . -5.61 1.11 4.39
C6 MAN D . -4.60 0.95 3.27
O2 MAN D . -9.03 1.68 4.04
O3 MAN D . -8.72 -0.69 5.47
O4 MAN D . -6.02 -1.26 4.76
O5 MAN D . -6.27 2.35 4.19
O6 MAN D . -3.43 1.66 3.59
C1 MAN D . -6.61 4.79 12.02
C2 MAN D . -5.55 4.66 13.11
C3 MAN D . -5.25 3.19 13.36
C4 MAN D . -6.54 2.46 13.73
C5 MAN D . -7.58 2.67 12.64
C6 MAN D . -8.93 2.11 13.02
O2 MAN D . -6.05 5.29 14.26
O3 MAN D . -4.29 3.11 14.39
O4 MAN D . -6.21 1.08 13.87
O5 MAN D . -7.76 4.05 12.36
O6 MAN D . -9.87 2.44 12.02
C1 NAG E . -16.02 39.24 -19.48
C2 NAG E . -15.76 39.38 -17.98
C3 NAG E . -15.34 38.03 -17.42
C4 NAG E . -16.38 36.95 -17.76
C5 NAG E . -16.69 36.99 -19.27
C6 NAG E . -17.78 36.03 -19.70
C7 NAG E . -14.99 41.54 -17.08
C8 NAG E . -13.78 42.43 -16.91
N2 NAG E . -14.75 40.38 -17.71
O3 NAG E . -15.16 38.17 -16.04
O4 NAG E . -15.84 35.70 -17.40
O5 NAG E . -17.06 38.31 -19.65
O6 NAG E . -17.34 34.71 -19.54
O7 NAG E . -16.10 41.87 -16.66
C1 NAG E . -16.45 35.25 -16.16
C2 NAG E . -16.25 33.73 -16.03
C3 NAG E . -16.79 33.25 -14.69
C4 NAG E . -16.19 34.05 -13.54
C5 NAG E . -16.42 35.55 -13.81
C6 NAG E . -15.85 36.46 -12.75
C7 NAG E . -16.26 32.17 -17.94
C8 NAG E . -17.13 31.54 -18.99
N2 NAG E . -16.88 33.02 -17.12
O3 NAG E . -16.50 31.88 -14.58
O4 NAG E . -16.82 33.63 -12.36
O5 NAG E . -15.85 35.89 -15.05
O6 NAG E . -14.47 36.21 -12.60
O7 NAG E . -15.07 31.89 -17.84
C1 BMA E . -15.86 32.95 -11.53
C2 BMA E . -16.32 33.09 -10.08
C3 BMA E . -15.30 32.38 -9.14
C4 BMA E . -14.49 31.25 -9.80
C5 BMA E . -15.15 30.64 -11.05
C6 BMA E . -16.14 29.52 -10.71
O2 BMA E . -17.62 32.55 -9.98
O3 BMA E . -16.04 31.95 -8.03
O4 BMA E . -13.22 31.81 -10.12
O5 BMA E . -15.76 31.59 -11.90
O6 BMA E . -15.40 28.44 -10.21
C1 NAG F . -6.76 -1.49 -15.01
C2 NAG F . -5.88 -1.16 -13.79
C3 NAG F . -5.31 -2.46 -13.21
C4 NAG F . -6.43 -3.46 -12.93
C5 NAG F . -7.30 -3.64 -14.19
C6 NAG F . -8.47 -4.57 -14.01
C7 NAG F . -4.75 1.03 -13.75
C8 NAG F . -3.54 1.79 -14.25
N2 NAG F . -4.83 -0.25 -14.15
O3 NAG F . -4.61 -2.13 -12.04
O4 NAG F . -5.81 -4.67 -12.56
O5 NAG F . -7.78 -2.37 -14.60
O6 NAG F . -9.27 -4.12 -12.94
O7 NAG F . -5.57 1.55 -13.02
C1 NAG F . -6.09 -4.95 -11.17
C2 NAG F . -6.08 -6.47 -10.96
C3 NAG F . -6.25 -6.81 -9.49
C4 NAG F . -5.26 -6.04 -8.63
C5 NAG F . -5.35 -4.55 -8.96
C6 NAG F . -4.40 -3.67 -8.19
C7 NAG F . -6.92 -8.01 -12.70
C8 NAG F . -8.18 -8.53 -13.37
N2 NAG F . -7.13 -7.09 -11.74
O3 NAG F . -6.11 -8.20 -9.35
O4 NAG F . -5.60 -6.31 -7.28
O5 NAG F . -5.10 -4.37 -10.34
O6 NAG F . -3.08 -4.11 -8.38
O7 NAG F . -5.82 -8.43 -13.03
C1 BMA F . -4.49 -6.93 -6.61
C2 BMA F . -4.70 -6.72 -5.12
C3 BMA F . -3.49 -7.30 -4.34
C4 BMA F . -2.76 -8.46 -5.04
C5 BMA F . -3.57 -9.17 -6.13
C6 BMA F . -4.38 -10.34 -5.59
O2 BMA F . -5.92 -7.32 -4.75
O3 BMA F . -3.97 -7.63 -3.05
O4 BMA F . -1.57 -7.91 -5.56
O5 BMA F . -4.42 -8.31 -6.90
O6 BMA F . -5.54 -10.49 -6.38
C1 MAN F . -2.87 -7.56 -2.11
C2 MAN F . -3.36 -8.15 -0.78
C3 MAN F . -4.40 -7.23 -0.15
C4 MAN F . -3.85 -5.82 0.00
C5 MAN F . -3.36 -5.32 -1.36
C6 MAN F . -2.66 -3.98 -1.27
O2 MAN F . -2.23 -8.29 0.03
O3 MAN F . -4.78 -7.79 1.08
O4 MAN F . -4.88 -5.02 0.52
O5 MAN F . -2.44 -6.24 -1.93
O6 MAN F . -2.35 -3.53 -2.55
C1 MAN F . -5.60 -11.84 -6.90
C2 MAN F . -6.84 -11.94 -7.79
C3 MAN F . -8.11 -11.83 -6.94
C4 MAN F . -8.11 -12.90 -5.85
C5 MAN F . -6.83 -12.77 -5.02
C6 MAN F . -6.68 -13.92 -4.03
O2 MAN F . -6.78 -13.18 -8.45
O3 MAN F . -9.21 -11.94 -7.80
O4 MAN F . -9.26 -12.69 -5.07
O5 MAN F . -5.68 -12.80 -5.86
O6 MAN F . -5.48 -13.76 -3.33
C1 NAG G . -5.93 29.96 5.64
C2 NAG G . -5.95 31.41 6.14
C3 NAG G . -6.13 32.36 4.96
C4 NAG G . -5.07 32.08 3.89
C5 NAG G . -5.11 30.59 3.52
C6 NAG G . -4.09 30.20 2.49
C7 NAG G . -6.81 31.82 8.42
C8 NAG G . -5.37 31.88 8.88
N2 NAG G . -7.00 31.61 7.11
O3 NAG G . -6.05 33.67 5.44
O4 NAG G . -5.37 32.90 2.79
O5 NAG G . -4.91 29.81 4.68
O6 NAG G . -2.80 30.56 2.94
O7 NAG G . -7.73 31.98 9.22
C1 NAG H . 2.55 17.83 -27.05
C2 NAG H . 4.00 17.53 -26.65
C3 NAG H . 4.64 18.77 -26.04
C4 NAG H . 4.51 19.95 -26.98
C5 NAG H . 3.03 20.14 -27.36
C6 NAG H . 2.79 21.27 -28.34
C7 NAG H . 4.76 15.30 -25.94
C8 NAG H . 4.69 14.28 -24.82
N2 NAG H . 4.06 16.43 -25.72
O3 NAG H . 5.98 18.47 -25.76
O4 NAG H . 5.02 21.08 -26.32
O5 NAG H . 2.54 18.94 -27.93
O6 NAG H . 3.53 21.04 -29.51
O7 NAG H . 5.41 15.09 -26.95
C1 NAG I . 5.67 35.67 -17.59
C2 NAG I . 6.40 34.48 -16.97
C3 NAG I . 7.20 34.94 -15.74
C4 NAG I . 8.08 36.13 -16.10
C5 NAG I . 7.23 37.22 -16.74
C6 NAG I . 8.00 38.46 -17.14
C7 NAG I . 5.43 32.23 -17.18
C8 NAG I . 4.38 31.30 -16.63
N2 NAG I . 5.48 33.44 -16.60
O3 NAG I . 7.95 33.85 -15.28
O4 NAG I . 8.69 36.57 -14.91
O5 NAG I . 6.58 36.70 -17.88
O6 NAG I . 7.15 39.36 -17.82
O7 NAG I . 6.17 31.88 -18.09
C1 NAG J . -20.41 19.12 -23.42
C2 NAG J . -21.52 18.10 -23.77
C3 NAG J . -22.51 17.94 -22.61
C4 NAG J . -21.75 17.67 -21.31
C5 NAG J . -20.67 18.74 -21.10
C6 NAG J . -19.85 18.55 -19.85
C7 NAG J . -22.92 19.38 -25.55
C8 NAG J . -23.23 20.58 -24.69
N2 NAG J . -22.17 18.36 -25.05
O3 NAG J . -23.39 16.90 -22.93
O4 NAG J . -22.70 17.70 -20.27
O5 NAG J . -19.80 18.72 -22.22
O6 NAG J . -18.84 19.53 -19.79
O7 NAG J . -23.35 19.34 -26.69
C1 NAG K . 12.45 -11.81 -24.94
C2 NAG K . 12.92 -12.15 -26.36
C3 NAG K . 14.19 -11.37 -26.68
C4 NAG K . 13.98 -9.88 -26.44
C5 NAG K . 13.43 -9.67 -25.02
C6 NAG K . 13.14 -8.22 -24.69
C7 NAG K . 12.36 -14.37 -27.28
C8 NAG K . 12.77 -15.83 -27.27
N2 NAG K . 13.13 -13.56 -26.51
O3 NAG K . 14.54 -11.64 -28.01
O4 NAG K . 15.21 -9.24 -26.62
O5 NAG K . 12.25 -10.42 -24.86
O6 NAG K . 14.35 -7.49 -24.67
O7 NAG K . 11.41 -13.97 -27.92
#